data_3R31
#
_entry.id   3R31
#
_cell.length_a   98.879
_cell.length_b   98.879
_cell.length_c   174.578
_cell.angle_alpha   90.00
_cell.angle_beta   90.00
_cell.angle_gamma   120.00
#
_symmetry.space_group_name_H-M   'P 31 2 1'
#
loop_
_entity.id
_entity.type
_entity.pdbx_description
1 polymer 'Betaine aldehyde dehydrogenase'
2 non-polymer 1,2-ETHANEDIOL
3 water water
#
_entity_poly.entity_id   1
_entity_poly.type   'polypeptide(L)'
_entity_poly.pdbx_seq_one_letter_code
;MVMTIATPLKAQPKASHFIDGDYVEDNTGTPFESIFPATGEMIAKLHAATPAIVERAIASAKRAQKEWAAMSPMARGRIL
KRAADIMRERNDALSTLETLDTGKPIQETIVADPTSGADAFEFFGGIAPSALNGDYIPLGGDFAYTKRVPLGVCVGIGAW
NYPQQIACWKAAPALVAGNAMVFKPSENTPLGALKIAEILIEAGLPKGLFNVIQGDRDTGPLLVNHPDVAKVSLTGSVPT
GRKVAAAAAGHLKHVTMELGGKSPMIVFDDADIESAVGGAMLGNFYSSGQVCSNGTRVFVQKKAKARFLENLKRRTEAMI
LGDPLDYATHLGPLVSKAQQEKVLSYIEKGKAEGATLITGGGIPNNVAGEGAYVQPTVFADVTDDMTIAREEIFGPVMCV
LDFDDEDEVLARANATEFGLAGGVFTADLARAHRVVDGLEAGTLWINTYNLCPVEIPFGGSKQSGFGRENSAAALEHYSE
LKTVYVSTGKVDAPYAENLYFQSHHHHHHWSHPQFEK
;
_entity_poly.pdbx_strand_id   A,B
#
loop_
_chem_comp.id
_chem_comp.type
_chem_comp.name
_chem_comp.formula
EDO non-polymer 1,2-ETHANEDIOL 'C2 H6 O2'
#
# COMPACT_ATOMS: atom_id res chain seq x y z
N PRO A 8 -38.31 -25.07 6.35
CA PRO A 8 -37.25 -25.74 7.09
C PRO A 8 -36.06 -25.89 6.12
N LEU A 9 -35.50 -24.77 5.67
CA LEU A 9 -34.52 -24.77 4.54
C LEU A 9 -33.24 -25.54 4.81
N LYS A 10 -32.65 -26.09 3.76
CA LYS A 10 -31.43 -26.87 3.94
C LYS A 10 -30.26 -26.23 4.72
N ALA A 11 -29.93 -24.94 4.49
CA ALA A 11 -28.73 -24.40 5.14
C ALA A 11 -29.02 -23.03 5.77
N GLN A 12 -30.22 -22.92 6.35
CA GLN A 12 -30.62 -21.67 6.96
C GLN A 12 -29.69 -21.35 8.13
N PRO A 13 -28.94 -20.23 8.05
CA PRO A 13 -28.17 -19.97 9.29
C PRO A 13 -29.06 -19.43 10.39
N LYS A 14 -28.56 -19.34 11.62
CA LYS A 14 -29.37 -18.80 12.69
C LYS A 14 -29.79 -17.33 12.43
N ALA A 15 -28.92 -16.53 11.80
CA ALA A 15 -29.36 -15.18 11.41
C ALA A 15 -28.42 -14.73 10.29
N SER A 16 -28.67 -13.58 9.66
CA SER A 16 -27.89 -13.22 8.48
C SER A 16 -26.46 -12.84 8.83
N HIS A 17 -26.26 -12.25 10.01
CA HIS A 17 -25.03 -11.62 10.39
C HIS A 17 -24.48 -12.23 11.66
N PHE A 18 -23.22 -12.00 11.95
CA PHE A 18 -22.63 -12.51 13.14
C PHE A 18 -21.81 -11.35 13.59
N ILE A 19 -22.19 -10.82 14.74
CA ILE A 19 -21.60 -9.62 15.26
C ILE A 19 -21.45 -9.81 16.79
N ASP A 20 -20.31 -9.38 17.35
CA ASP A 20 -20.11 -9.40 18.83
C ASP A 20 -20.41 -10.73 19.48
N GLY A 21 -19.98 -11.80 18.84
CA GLY A 21 -20.03 -13.11 19.47
C GLY A 21 -21.29 -13.91 19.22
N ASP A 22 -22.29 -13.37 18.51
CA ASP A 22 -23.48 -14.19 18.23
C ASP A 22 -24.16 -13.78 16.89
N TYR A 23 -25.12 -14.60 16.46
CA TYR A 23 -25.93 -14.32 15.29
C TYR A 23 -26.87 -13.14 15.52
N VAL A 24 -26.99 -12.29 14.50
CA VAL A 24 -27.75 -11.05 14.62
C VAL A 24 -28.56 -10.86 13.35
N GLU A 25 -29.83 -10.52 13.50
CA GLU A 25 -30.68 -10.31 12.33
C GLU A 25 -31.10 -8.83 12.22
N ASP A 26 -31.22 -8.31 10.98
CA ASP A 26 -32.13 -7.16 10.73
C ASP A 26 -33.06 -7.41 9.50
N ASN A 27 -34.33 -7.80 9.73
CA ASN A 27 -35.19 -8.28 8.60
C ASN A 27 -35.77 -7.16 7.69
N THR A 28 -35.22 -5.97 7.85
CA THR A 28 -35.58 -4.73 7.17
C THR A 28 -34.52 -4.53 6.04
N GLY A 29 -33.41 -5.27 6.12
CA GLY A 29 -32.45 -5.30 5.02
C GLY A 29 -32.93 -6.04 3.79
N THR A 30 -32.43 -5.62 2.63
CA THR A 30 -32.76 -6.26 1.34
C THR A 30 -32.69 -7.78 1.45
N PRO A 31 -33.84 -8.47 1.26
CA PRO A 31 -33.84 -9.92 1.28
C PRO A 31 -33.17 -10.51 0.04
N PHE A 32 -32.48 -11.65 0.19
CA PHE A 32 -31.91 -12.35 -0.95
C PHE A 32 -31.78 -13.79 -0.51
N GLU A 33 -31.59 -14.70 -1.46
CA GLU A 33 -31.64 -16.10 -1.16
C GLU A 33 -30.33 -16.74 -1.62
N SER A 34 -29.89 -17.76 -0.90
CA SER A 34 -28.84 -18.67 -1.40
C SER A 34 -29.50 -19.80 -2.18
N ILE A 35 -29.13 -19.98 -3.46
CA ILE A 35 -29.73 -20.96 -4.36
C ILE A 35 -28.75 -22.10 -4.77
N PHE A 36 -29.13 -23.36 -4.59
CA PHE A 36 -28.29 -24.47 -5.04
C PHE A 36 -28.39 -24.67 -6.56
N PRO A 37 -27.33 -24.28 -7.31
CA PRO A 37 -27.42 -24.31 -8.79
C PRO A 37 -28.04 -25.61 -9.35
N ALA A 38 -27.49 -26.78 -8.98
CA ALA A 38 -28.01 -28.05 -9.49
C ALA A 38 -29.53 -28.11 -9.41
N THR A 39 -30.09 -27.88 -8.24
CA THR A 39 -31.52 -28.11 -8.09
C THR A 39 -32.35 -26.83 -8.13
N GLY A 40 -31.72 -25.67 -8.33
CA GLY A 40 -32.42 -24.41 -8.09
C GLY A 40 -33.09 -24.32 -6.71
N GLU A 41 -32.97 -25.35 -5.88
CA GLU A 41 -33.48 -25.25 -4.49
C GLU A 41 -32.94 -24.06 -3.65
N MET A 42 -33.85 -23.38 -2.97
CA MET A 42 -33.51 -22.29 -2.06
C MET A 42 -33.01 -22.93 -0.76
N ILE A 43 -31.73 -22.71 -0.41
CA ILE A 43 -31.20 -23.25 0.85
C ILE A 43 -31.16 -22.28 2.02
N ALA A 44 -31.26 -20.98 1.77
CA ALA A 44 -31.23 -19.98 2.88
C ALA A 44 -31.88 -18.68 2.44
N LYS A 45 -32.50 -17.98 3.38
CA LYS A 45 -33.04 -16.66 3.17
C LYS A 45 -32.28 -15.72 4.06
N LEU A 46 -31.80 -14.63 3.47
CA LEU A 46 -30.92 -13.70 4.17
C LEU A 46 -31.40 -12.28 3.99
N HIS A 47 -30.88 -11.40 4.83
CA HIS A 47 -30.96 -9.95 4.61
C HIS A 47 -29.62 -9.26 4.51
N ALA A 48 -29.47 -8.35 3.54
CA ALA A 48 -28.34 -7.49 3.43
C ALA A 48 -28.30 -6.59 4.71
N ALA A 49 -27.12 -6.21 5.17
CA ALA A 49 -26.99 -5.30 6.26
C ALA A 49 -27.82 -4.02 6.03
N THR A 50 -28.46 -3.53 7.07
CA THR A 50 -28.93 -2.15 7.10
C THR A 50 -27.82 -1.23 7.59
N PRO A 51 -27.99 0.09 7.38
CA PRO A 51 -27.04 1.00 8.00
C PRO A 51 -26.80 0.74 9.52
N ALA A 52 -27.84 0.47 10.30
CA ALA A 52 -27.62 0.16 11.70
C ALA A 52 -26.74 -1.14 11.88
N ILE A 53 -26.88 -2.12 11.00
CA ILE A 53 -26.06 -3.34 11.08
C ILE A 53 -24.60 -3.00 10.76
N VAL A 54 -24.39 -2.21 9.71
CA VAL A 54 -23.05 -1.73 9.43
C VAL A 54 -22.42 -1.02 10.66
N GLU A 55 -23.13 -0.02 11.24
CA GLU A 55 -22.56 0.76 12.38
C GLU A 55 -22.30 -0.11 13.57
N ARG A 56 -23.20 -1.05 13.80
CA ARG A 56 -23.00 -1.97 14.87
C ARG A 56 -21.75 -2.92 14.68
N ALA A 57 -21.60 -3.54 13.51
CA ALA A 57 -20.40 -4.36 13.21
C ALA A 57 -19.07 -3.60 13.39
N ILE A 58 -18.97 -2.38 12.86
CA ILE A 58 -17.76 -1.56 12.98
C ILE A 58 -17.51 -1.14 14.44
N ALA A 59 -18.58 -0.74 15.17
CA ALA A 59 -18.42 -0.25 16.56
C ALA A 59 -17.98 -1.41 17.45
N SER A 60 -18.55 -2.55 17.17
CA SER A 60 -18.21 -3.72 17.97
C SER A 60 -16.76 -4.14 17.67
N ALA A 61 -16.30 -3.98 16.43
CA ALA A 61 -14.89 -4.30 16.05
C ALA A 61 -13.88 -3.33 16.74
N LYS A 62 -14.22 -2.04 16.68
CA LYS A 62 -13.44 -0.96 17.24
C LYS A 62 -13.25 -1.10 18.74
N ARG A 63 -14.35 -1.40 19.45
CA ARG A 63 -14.32 -1.69 20.88
C ARG A 63 -13.46 -2.89 21.29
N ALA A 64 -13.50 -3.95 20.53
CA ALA A 64 -12.75 -5.15 20.81
C ALA A 64 -11.23 -5.10 20.61
N GLN A 65 -10.84 -4.33 19.63
CA GLN A 65 -9.53 -4.32 19.07
C GLN A 65 -8.37 -3.94 19.97
N LYS A 66 -8.51 -2.95 20.82
CA LYS A 66 -7.41 -2.54 21.64
C LYS A 66 -6.92 -3.60 22.57
N GLU A 67 -7.80 -4.24 23.27
CA GLU A 67 -7.38 -5.37 24.12
C GLU A 67 -6.69 -6.47 23.33
N TRP A 68 -7.18 -6.77 22.13
CA TRP A 68 -6.57 -7.80 21.28
C TRP A 68 -5.12 -7.41 20.93
N ALA A 69 -4.93 -6.16 20.53
CA ALA A 69 -3.60 -5.65 20.16
C ALA A 69 -2.57 -5.69 21.32
N ALA A 70 -3.01 -5.54 22.57
CA ALA A 70 -2.13 -5.63 23.75
C ALA A 70 -1.73 -7.08 24.11
N MET A 71 -2.41 -8.10 23.59
CA MET A 71 -2.00 -9.48 23.86
C MET A 71 -0.65 -9.83 23.10
N SER A 72 0.08 -10.85 23.54
CA SER A 72 1.28 -11.24 22.79
C SER A 72 0.92 -11.88 21.42
N PRO A 73 1.85 -11.93 20.50
CA PRO A 73 1.56 -12.58 19.23
C PRO A 73 1.25 -14.03 19.45
N MET A 74 1.97 -14.65 20.35
CA MET A 74 1.80 -16.04 20.63
C MET A 74 0.41 -16.34 21.17
N ALA A 75 -0.09 -15.51 22.05
CA ALA A 75 -1.42 -15.67 22.57
C ALA A 75 -2.50 -15.55 21.49
N ARG A 76 -2.39 -14.56 20.62
CA ARG A 76 -3.29 -14.41 19.51
C ARG A 76 -3.17 -15.59 18.57
N GLY A 77 -1.94 -15.99 18.37
CA GLY A 77 -1.60 -17.07 17.49
C GLY A 77 -2.26 -18.36 17.91
N ARG A 78 -2.32 -18.61 19.20
CA ARG A 78 -2.93 -19.79 19.73
C ARG A 78 -4.43 -19.93 19.42
N ILE A 79 -5.17 -18.84 19.46
CA ILE A 79 -6.56 -18.86 19.11
C ILE A 79 -6.69 -19.24 17.63
N LEU A 80 -5.87 -18.67 16.79
CA LEU A 80 -5.99 -18.96 15.38
C LEU A 80 -5.69 -20.44 15.09
N LYS A 81 -4.67 -20.96 15.79
CA LYS A 81 -4.34 -22.38 15.63
C LYS A 81 -5.50 -23.28 16.08
N ARG A 82 -6.16 -22.93 17.16
CA ARG A 82 -7.30 -23.71 17.64
C ARG A 82 -8.45 -23.61 16.62
N ALA A 83 -8.61 -22.44 16.00
CA ALA A 83 -9.69 -22.31 14.97
C ALA A 83 -9.43 -23.22 13.80
N ALA A 84 -8.16 -23.31 13.39
CA ALA A 84 -7.82 -24.16 12.24
C ALA A 84 -8.10 -25.65 12.59
N ASP A 85 -7.75 -26.01 13.83
CA ASP A 85 -8.03 -27.38 14.33
C ASP A 85 -9.51 -27.71 14.28
N ILE A 86 -10.38 -26.82 14.73
CA ILE A 86 -11.81 -27.03 14.70
C ILE A 86 -12.28 -27.16 13.26
N MET A 87 -11.71 -26.35 12.38
CA MET A 87 -12.05 -26.35 10.97
C MET A 87 -11.71 -27.72 10.39
N ARG A 88 -10.61 -28.29 10.79
CA ARG A 88 -10.29 -29.62 10.36
C ARG A 88 -11.29 -30.69 10.90
N GLU A 89 -11.72 -30.57 12.13
CA GLU A 89 -12.66 -31.47 12.72
C GLU A 89 -13.90 -31.41 11.90
N ARG A 90 -14.21 -30.23 11.45
CA ARG A 90 -15.41 -29.96 10.75
C ARG A 90 -15.30 -29.89 9.25
N ASN A 91 -14.27 -30.44 8.67
CA ASN A 91 -14.08 -30.31 7.25
C ASN A 91 -15.23 -30.86 6.41
N ASP A 92 -15.80 -31.97 6.81
CA ASP A 92 -16.91 -32.54 6.03
C ASP A 92 -18.12 -31.62 5.94
N ALA A 93 -18.64 -31.15 7.07
CA ALA A 93 -19.75 -30.20 7.07
C ALA A 93 -19.38 -28.86 6.37
N LEU A 94 -18.19 -28.33 6.65
CA LEU A 94 -17.82 -27.00 6.05
C LEU A 94 -17.73 -27.14 4.56
N SER A 95 -17.17 -28.26 4.06
CA SER A 95 -17.00 -28.43 2.61
C SER A 95 -18.28 -28.70 1.91
N THR A 96 -19.20 -29.40 2.62
CA THR A 96 -20.52 -29.68 2.05
C THR A 96 -21.31 -28.41 1.94
N LEU A 97 -21.17 -27.55 2.95
CA LEU A 97 -21.85 -26.26 2.97
C LEU A 97 -21.30 -25.45 1.83
N GLU A 98 -19.97 -25.47 1.62
CA GLU A 98 -19.34 -24.74 0.47
C GLU A 98 -19.88 -25.23 -0.86
N THR A 99 -20.04 -26.53 -1.01
CA THR A 99 -20.57 -27.06 -2.26
C THR A 99 -22.02 -26.57 -2.42
N LEU A 100 -22.80 -26.59 -1.35
CA LEU A 100 -24.20 -26.08 -1.44
C LEU A 100 -24.27 -24.60 -1.84
N ASP A 101 -23.32 -23.80 -1.34
CA ASP A 101 -23.29 -22.37 -1.55
C ASP A 101 -22.66 -21.99 -2.89
N THR A 102 -21.70 -22.76 -3.41
CA THR A 102 -21.03 -22.40 -4.66
C THR A 102 -21.47 -23.20 -5.86
N GLY A 103 -21.99 -24.43 -5.65
CA GLY A 103 -22.16 -25.35 -6.81
C GLY A 103 -20.88 -26.10 -7.21
N LYS A 104 -19.79 -25.92 -6.48
CA LYS A 104 -18.54 -26.59 -6.87
C LYS A 104 -18.45 -28.04 -6.32
N PRO A 105 -17.88 -28.96 -7.13
CA PRO A 105 -17.81 -30.39 -6.76
C PRO A 105 -17.23 -30.62 -5.35
N ILE A 106 -17.90 -31.44 -4.55
CA ILE A 106 -17.42 -31.82 -3.25
C ILE A 106 -16.00 -32.41 -3.30
N GLN A 107 -15.66 -33.09 -4.37
CA GLN A 107 -14.36 -33.75 -4.34
C GLN A 107 -13.22 -32.70 -4.34
N GLU A 108 -13.49 -31.55 -4.94
CA GLU A 108 -12.60 -30.41 -4.94
C GLU A 108 -12.69 -29.64 -3.59
N THR A 109 -13.90 -29.39 -3.16
CA THR A 109 -14.18 -28.56 -2.02
C THR A 109 -13.52 -29.12 -0.72
N ILE A 110 -13.49 -30.46 -0.62
CA ILE A 110 -13.10 -31.19 0.58
C ILE A 110 -11.58 -31.16 0.79
N VAL A 111 -10.81 -30.84 -0.25
CA VAL A 111 -9.35 -30.71 -0.15
C VAL A 111 -8.87 -29.25 -0.41
N ALA A 112 -9.59 -28.46 -1.22
CA ALA A 112 -9.08 -27.14 -1.67
C ALA A 112 -9.63 -25.90 -0.96
N ASP A 113 -10.71 -26.02 -0.20
CA ASP A 113 -11.37 -24.78 0.10
C ASP A 113 -11.27 -24.45 1.59
N PRO A 114 -12.13 -25.01 2.44
CA PRO A 114 -11.95 -24.76 3.86
C PRO A 114 -10.55 -25.24 4.36
N THR A 115 -10.04 -26.34 3.82
CA THR A 115 -8.71 -26.83 4.28
C THR A 115 -7.63 -25.75 4.12
N SER A 116 -7.67 -25.08 2.97
CA SER A 116 -6.76 -24.05 2.65
C SER A 116 -6.97 -22.80 3.52
N GLY A 117 -8.20 -22.48 3.86
CA GLY A 117 -8.50 -21.51 4.85
C GLY A 117 -7.91 -21.88 6.20
N ALA A 118 -8.17 -23.12 6.67
CA ALA A 118 -7.53 -23.61 7.90
C ALA A 118 -6.01 -23.46 7.84
N ASP A 119 -5.39 -23.79 6.69
CA ASP A 119 -3.96 -23.66 6.52
C ASP A 119 -3.49 -22.22 6.85
N ALA A 120 -4.24 -21.21 6.39
CA ALA A 120 -3.82 -19.85 6.69
C ALA A 120 -3.96 -19.56 8.15
N PHE A 121 -5.02 -20.02 8.83
CA PHE A 121 -5.09 -19.71 10.27
C PHE A 121 -3.89 -20.36 11.01
N GLU A 122 -3.61 -21.59 10.62
CA GLU A 122 -2.57 -22.37 11.27
C GLU A 122 -1.19 -21.71 11.03
N PHE A 123 -0.90 -21.39 9.75
CA PHE A 123 0.38 -20.80 9.40
C PHE A 123 0.59 -19.46 10.14
N PHE A 124 -0.37 -18.55 10.06
CA PHE A 124 -0.18 -17.26 10.69
C PHE A 124 -0.16 -17.33 12.19
N GLY A 125 -0.94 -18.23 12.74
CA GLY A 125 -0.89 -18.39 14.17
C GLY A 125 0.50 -18.89 14.61
N GLY A 126 1.16 -19.73 13.80
CA GLY A 126 2.46 -20.26 14.25
C GLY A 126 3.62 -19.29 13.98
N ILE A 127 3.58 -18.49 12.89
CA ILE A 127 4.75 -17.66 12.61
C ILE A 127 4.79 -16.32 13.39
N ALA A 128 3.64 -15.89 13.89
CA ALA A 128 3.58 -14.54 14.49
C ALA A 128 4.60 -14.23 15.59
N PRO A 129 4.91 -15.20 16.51
CA PRO A 129 5.83 -14.94 17.59
C PRO A 129 7.29 -14.66 17.19
N SER A 130 7.61 -14.83 15.90
CA SER A 130 8.83 -14.38 15.27
C SER A 130 8.61 -13.35 14.14
N ALA A 131 7.72 -13.65 13.20
CA ALA A 131 7.44 -12.73 12.06
C ALA A 131 6.87 -11.33 12.41
N LEU A 132 6.26 -11.14 13.57
CA LEU A 132 5.81 -9.80 13.93
C LEU A 132 6.90 -8.94 14.60
N ASN A 133 8.14 -9.47 14.74
CA ASN A 133 9.22 -8.70 15.42
C ASN A 133 9.58 -7.46 14.63
N GLY A 134 9.90 -6.38 15.33
CA GLY A 134 10.52 -5.27 14.63
C GLY A 134 12.04 -5.28 14.76
N ASP A 135 12.65 -4.10 14.64
CA ASP A 135 14.08 -3.96 14.67
C ASP A 135 14.59 -3.21 15.91
N TYR A 136 15.79 -3.57 16.29
CA TYR A 136 16.63 -2.71 17.13
C TYR A 136 17.62 -2.07 16.20
N ILE A 137 17.70 -0.75 16.16
CA ILE A 137 18.58 -0.12 15.20
C ILE A 137 19.65 0.70 15.93
N PRO A 138 20.92 0.22 15.99
CA PRO A 138 21.97 1.01 16.71
C PRO A 138 22.29 2.28 15.94
N LEU A 139 22.45 3.37 16.67
CA LEU A 139 22.75 4.60 15.94
C LEU A 139 24.07 5.24 16.40
N GLY A 140 24.93 4.53 17.13
CA GLY A 140 26.20 5.07 17.59
C GLY A 140 26.14 5.88 18.89
N GLY A 141 25.19 5.57 19.78
CA GLY A 141 25.03 6.37 21.04
C GLY A 141 23.54 6.33 21.35
N ASP A 142 22.74 6.95 20.52
CA ASP A 142 21.29 6.72 20.54
C ASP A 142 20.96 5.36 19.83
N PHE A 143 19.71 4.96 19.88
CA PHE A 143 19.21 3.80 19.14
C PHE A 143 17.73 4.06 18.91
N ALA A 144 17.16 3.30 17.97
CA ALA A 144 15.74 3.25 17.75
C ALA A 144 15.28 1.81 17.76
N TYR A 145 14.01 1.64 18.00
CA TYR A 145 13.38 0.36 17.73
C TYR A 145 12.08 0.65 16.94
N THR A 146 11.64 -0.35 16.20
CA THR A 146 10.43 -0.26 15.43
C THR A 146 9.53 -1.41 15.91
N LYS A 147 8.24 -1.12 15.92
CA LYS A 147 7.24 -2.04 16.41
C LYS A 147 6.25 -2.26 15.27
N ARG A 148 5.78 -3.49 15.03
CA ARG A 148 4.80 -3.69 13.94
C ARG A 148 3.45 -3.58 14.56
N VAL A 149 2.75 -2.48 14.37
CA VAL A 149 1.49 -2.29 15.09
C VAL A 149 0.30 -2.47 14.14
N PRO A 150 -0.83 -2.92 14.68
CA PRO A 150 -2.03 -3.16 13.83
C PRO A 150 -2.55 -1.86 13.28
N LEU A 151 -3.32 -1.97 12.22
CA LEU A 151 -3.93 -0.77 11.63
C LEU A 151 -5.18 -0.33 12.41
N GLY A 152 -5.91 -1.28 12.96
CA GLY A 152 -7.18 -0.91 13.64
C GLY A 152 -8.27 -1.85 13.16
N VAL A 153 -9.31 -1.29 12.57
CA VAL A 153 -10.46 -2.09 12.11
C VAL A 153 -10.32 -2.21 10.64
N CYS A 154 -10.26 -3.46 10.16
CA CYS A 154 -10.09 -3.77 8.73
C CYS A 154 -11.43 -4.26 8.17
N VAL A 155 -11.64 -4.00 6.90
CA VAL A 155 -12.83 -4.48 6.21
C VAL A 155 -12.32 -5.42 5.15
N GLY A 156 -12.91 -6.63 5.11
CA GLY A 156 -12.72 -7.52 4.01
C GLY A 156 -13.97 -7.68 3.17
N ILE A 157 -13.81 -7.66 1.86
CA ILE A 157 -14.90 -7.87 0.92
C ILE A 157 -14.56 -9.13 0.17
N GLY A 158 -15.44 -10.12 0.20
CA GLY A 158 -15.11 -11.38 -0.43
C GLY A 158 -15.73 -11.54 -1.78
N ALA A 159 -15.30 -12.55 -2.57
CA ALA A 159 -15.95 -12.85 -3.83
C ALA A 159 -16.47 -14.30 -3.77
N TRP A 160 -16.97 -14.80 -4.88
CA TRP A 160 -17.80 -16.01 -4.79
C TRP A 160 -16.97 -17.26 -5.07
N ASN A 161 -15.72 -17.07 -5.48
CA ASN A 161 -14.86 -18.21 -5.80
C ASN A 161 -14.09 -18.66 -4.54
N TYR A 162 -14.22 -19.92 -4.15
CA TYR A 162 -13.68 -20.33 -2.80
C TYR A 162 -13.93 -19.29 -1.65
N PRO A 163 -15.20 -19.11 -1.25
CA PRO A 163 -15.50 -18.04 -0.30
C PRO A 163 -14.91 -18.27 1.09
N GLN A 164 -14.83 -19.51 1.55
CA GLN A 164 -14.25 -19.79 2.84
C GLN A 164 -12.74 -19.51 2.89
N GLN A 165 -12.07 -19.91 1.85
CA GLN A 165 -10.64 -19.66 1.71
C GLN A 165 -10.36 -18.15 1.72
N ILE A 166 -11.10 -17.37 0.90
CA ILE A 166 -10.96 -15.90 0.84
C ILE A 166 -11.11 -15.26 2.27
N ALA A 167 -12.13 -15.68 3.01
CA ALA A 167 -12.42 -15.11 4.33
C ALA A 167 -11.24 -15.40 5.31
N CYS A 168 -10.77 -16.67 5.33
CA CYS A 168 -9.63 -17.06 6.16
C CYS A 168 -8.31 -16.43 5.74
N TRP A 169 -8.02 -16.37 4.43
CA TRP A 169 -6.83 -15.68 3.98
C TRP A 169 -6.77 -14.22 4.38
N LYS A 170 -7.92 -13.57 4.53
CA LYS A 170 -7.91 -12.15 5.00
C LYS A 170 -7.94 -12.10 6.54
N ALA A 171 -8.80 -12.92 7.13
CA ALA A 171 -8.92 -12.93 8.58
C ALA A 171 -7.62 -13.34 9.32
N ALA A 172 -6.89 -14.31 8.78
CA ALA A 172 -5.72 -14.86 9.54
C ALA A 172 -4.59 -13.84 9.73
N PRO A 173 -4.12 -13.20 8.64
CA PRO A 173 -3.06 -12.18 8.91
C PRO A 173 -3.61 -10.91 9.63
N ALA A 174 -4.87 -10.54 9.35
CA ALA A 174 -5.46 -9.38 10.04
C ALA A 174 -5.53 -9.58 11.55
N LEU A 175 -6.11 -10.67 12.00
CA LEU A 175 -6.21 -10.98 13.40
C LEU A 175 -4.92 -11.21 14.14
N VAL A 176 -4.00 -11.94 13.55
CA VAL A 176 -2.71 -12.23 14.14
C VAL A 176 -1.91 -10.95 14.38
N ALA A 177 -2.03 -10.02 13.47
CA ALA A 177 -1.37 -8.76 13.56
C ALA A 177 -1.99 -7.88 14.66
N GLY A 178 -3.12 -8.28 15.22
CA GLY A 178 -3.73 -7.41 16.26
C GLY A 178 -4.90 -6.52 15.80
N ASN A 179 -5.43 -6.75 14.61
CA ASN A 179 -6.58 -6.00 14.13
C ASN A 179 -7.89 -6.70 14.44
N ALA A 180 -9.00 -6.02 14.21
CA ALA A 180 -10.34 -6.59 14.19
C ALA A 180 -10.80 -6.51 12.76
N MET A 181 -11.75 -7.33 12.34
CA MET A 181 -12.15 -7.29 10.96
C MET A 181 -13.68 -7.40 10.87
N VAL A 182 -14.26 -6.57 10.00
CA VAL A 182 -15.61 -6.75 9.55
C VAL A 182 -15.50 -7.36 8.16
N PHE A 183 -16.11 -8.52 7.97
CA PHE A 183 -16.02 -9.18 6.66
C PHE A 183 -17.39 -9.26 5.99
N LYS A 184 -17.47 -8.91 4.70
CA LYS A 184 -18.69 -8.99 3.94
C LYS A 184 -18.53 -10.02 2.84
N PRO A 185 -19.15 -11.22 2.97
CA PRO A 185 -19.03 -12.15 1.87
C PRO A 185 -19.83 -11.71 0.65
N SER A 186 -19.54 -12.28 -0.49
CA SER A 186 -20.31 -12.08 -1.67
C SER A 186 -21.74 -12.54 -1.38
N GLU A 187 -22.67 -11.79 -1.96
CA GLU A 187 -24.11 -11.95 -1.88
C GLU A 187 -24.40 -13.33 -2.44
N ASN A 188 -23.65 -13.72 -3.43
CA ASN A 188 -23.75 -15.04 -3.98
C ASN A 188 -23.40 -16.18 -3.03
N THR A 189 -22.49 -15.96 -2.09
CA THR A 189 -21.98 -17.06 -1.26
C THR A 189 -21.91 -16.61 0.18
N PRO A 190 -23.07 -16.48 0.86
CA PRO A 190 -23.10 -15.80 2.14
C PRO A 190 -22.86 -16.67 3.35
N LEU A 191 -22.81 -18.00 3.17
CA LEU A 191 -23.05 -18.94 4.28
C LEU A 191 -21.77 -19.38 4.98
N GLY A 192 -20.73 -19.72 4.24
CA GLY A 192 -19.46 -20.22 4.88
C GLY A 192 -18.76 -19.27 5.86
N ALA A 193 -18.67 -17.98 5.50
CA ALA A 193 -18.10 -16.96 6.38
C ALA A 193 -18.76 -16.92 7.76
N LEU A 194 -20.05 -17.18 7.82
CA LEU A 194 -20.71 -17.21 9.14
C LEU A 194 -20.18 -18.35 9.97
N LYS A 195 -19.91 -19.53 9.37
CA LYS A 195 -19.36 -20.62 10.12
C LYS A 195 -17.96 -20.25 10.60
N ILE A 196 -17.18 -19.60 9.75
CA ILE A 196 -15.83 -19.25 10.19
C ILE A 196 -15.93 -18.38 11.45
N ALA A 197 -16.87 -17.43 11.41
CA ALA A 197 -17.00 -16.50 12.54
C ALA A 197 -17.38 -17.23 13.84
N GLU A 198 -18.27 -18.19 13.69
CA GLU A 198 -18.76 -18.99 14.80
C GLU A 198 -17.61 -19.86 15.38
N ILE A 199 -16.85 -20.46 14.48
CA ILE A 199 -15.69 -21.30 14.86
C ILE A 199 -14.66 -20.52 15.62
N LEU A 200 -14.43 -19.27 15.19
CA LEU A 200 -13.47 -18.39 15.86
C LEU A 200 -13.80 -18.10 17.31
N ILE A 201 -15.07 -17.79 17.56
CA ILE A 201 -15.54 -17.69 18.92
C ILE A 201 -15.34 -19.00 19.67
N GLU A 202 -15.65 -20.15 19.08
CA GLU A 202 -15.46 -21.41 19.81
C GLU A 202 -13.98 -21.66 20.12
N ALA A 203 -13.11 -21.14 19.25
CA ALA A 203 -11.67 -21.18 19.46
C ALA A 203 -11.16 -20.23 20.56
N GLY A 204 -12.00 -19.32 21.08
CA GLY A 204 -11.59 -18.36 22.12
C GLY A 204 -11.29 -16.95 21.60
N LEU A 205 -11.54 -16.65 20.33
CA LEU A 205 -11.43 -15.26 19.87
C LEU A 205 -12.47 -14.41 20.61
N PRO A 206 -12.07 -13.31 21.27
CA PRO A 206 -12.98 -12.39 21.87
C PRO A 206 -13.99 -11.87 20.85
N LYS A 207 -15.18 -11.61 21.38
CA LYS A 207 -16.33 -11.27 20.59
C LYS A 207 -16.02 -9.93 19.96
N GLY A 208 -16.56 -9.70 18.78
CA GLY A 208 -16.36 -8.44 18.13
C GLY A 208 -15.12 -8.41 17.21
N LEU A 209 -14.17 -9.33 17.35
CA LEU A 209 -12.91 -9.25 16.60
C LEU A 209 -13.08 -9.64 15.10
N PHE A 210 -14.01 -10.53 14.84
CA PHE A 210 -14.31 -10.97 13.50
C PHE A 210 -15.83 -11.04 13.34
N ASN A 211 -16.38 -10.06 12.63
CA ASN A 211 -17.80 -9.94 12.47
C ASN A 211 -18.06 -10.10 11.01
N VAL A 212 -19.20 -10.72 10.69
CA VAL A 212 -19.57 -11.00 9.33
C VAL A 212 -20.92 -10.34 9.04
N ILE A 213 -21.00 -9.55 7.95
CA ILE A 213 -22.34 -8.99 7.62
C ILE A 213 -22.61 -9.24 6.16
N GLN A 214 -23.85 -9.58 5.81
CA GLN A 214 -24.26 -9.71 4.42
C GLN A 214 -24.41 -8.33 3.81
N GLY A 215 -24.37 -8.35 2.51
CA GLY A 215 -24.33 -7.20 1.70
C GLY A 215 -25.28 -6.98 0.57
N ASP A 216 -25.32 -5.71 0.26
CA ASP A 216 -26.16 -5.01 -0.65
C ASP A 216 -25.25 -4.27 -1.57
N ARG A 217 -25.83 -3.70 -2.58
CA ARG A 217 -25.13 -2.79 -3.43
C ARG A 217 -24.69 -1.66 -2.54
N ASP A 218 -25.45 -1.35 -1.51
CA ASP A 218 -25.14 -0.27 -0.63
C ASP A 218 -24.11 -0.62 0.44
N THR A 219 -23.90 -1.92 0.67
CA THR A 219 -23.18 -2.29 1.90
C THR A 219 -21.70 -1.97 1.74
N GLY A 220 -21.13 -2.46 0.65
CA GLY A 220 -19.71 -2.25 0.36
C GLY A 220 -19.37 -0.76 0.54
N PRO A 221 -20.14 0.16 -0.09
CA PRO A 221 -19.74 1.57 0.01
C PRO A 221 -19.86 2.11 1.44
N LEU A 222 -20.86 1.71 2.23
CA LEU A 222 -20.88 2.14 3.65
C LEU A 222 -19.64 1.68 4.44
N LEU A 223 -19.19 0.43 4.24
CA LEU A 223 -18.03 -0.07 4.99
C LEU A 223 -16.79 0.68 4.54
N VAL A 224 -16.64 0.81 3.23
CA VAL A 224 -15.41 1.31 2.65
C VAL A 224 -15.21 2.82 3.00
N ASN A 225 -16.29 3.59 3.10
CA ASN A 225 -16.13 5.04 3.45
C ASN A 225 -16.24 5.33 4.93
N HIS A 226 -16.36 4.30 5.75
CA HIS A 226 -16.53 4.55 7.16
C HIS A 226 -15.30 5.16 7.89
N PRO A 227 -15.53 6.20 8.75
CA PRO A 227 -14.36 6.88 9.37
C PRO A 227 -13.54 5.97 10.28
N ASP A 228 -14.14 4.96 10.89
CA ASP A 228 -13.40 4.10 11.82
C ASP A 228 -12.67 2.91 11.16
N VAL A 229 -12.76 2.77 9.86
CA VAL A 229 -12.09 1.65 9.15
C VAL A 229 -10.73 2.14 8.68
N ALA A 230 -9.69 1.43 9.11
CA ALA A 230 -8.32 1.79 8.71
C ALA A 230 -7.87 1.18 7.39
N LYS A 231 -8.50 0.08 6.97
CA LYS A 231 -7.96 -0.70 5.85
C LYS A 231 -9.05 -1.54 5.15
N VAL A 232 -8.90 -1.66 3.82
CA VAL A 232 -9.79 -2.44 3.01
C VAL A 232 -8.99 -3.50 2.25
N SER A 233 -9.51 -4.73 2.29
CA SER A 233 -8.96 -5.80 1.48
C SER A 233 -10.08 -6.36 0.62
N LEU A 234 -9.86 -6.46 -0.68
CA LEU A 234 -10.99 -6.85 -1.56
C LEU A 234 -10.51 -7.93 -2.51
N THR A 235 -11.41 -8.88 -2.81
CA THR A 235 -11.21 -9.83 -3.92
C THR A 235 -12.45 -9.56 -4.76
N GLY A 236 -12.26 -9.39 -6.04
CA GLY A 236 -13.38 -9.04 -6.92
C GLY A 236 -12.89 -8.84 -8.35
N SER A 237 -13.76 -8.20 -9.15
CA SER A 237 -13.55 -7.82 -10.52
C SER A 237 -12.87 -6.41 -10.61
N VAL A 238 -12.25 -6.12 -11.75
CA VAL A 238 -11.50 -4.84 -11.90
C VAL A 238 -12.41 -3.60 -11.68
N PRO A 239 -13.65 -3.61 -12.26
CA PRO A 239 -14.41 -2.38 -12.08
C PRO A 239 -14.83 -2.08 -10.64
N THR A 240 -15.21 -3.12 -9.89
CA THR A 240 -15.42 -2.97 -8.46
C THR A 240 -14.15 -2.46 -7.76
N GLY A 241 -13.03 -3.09 -8.07
CA GLY A 241 -11.69 -2.79 -7.48
C GLY A 241 -11.23 -1.35 -7.65
N ARG A 242 -11.41 -0.81 -8.87
CA ARG A 242 -11.11 0.59 -9.21
C ARG A 242 -11.97 1.47 -8.33
N LYS A 243 -13.29 1.18 -8.24
CA LYS A 243 -14.20 2.04 -7.47
C LYS A 243 -13.87 1.95 -6.00
N VAL A 244 -13.68 0.73 -5.52
CA VAL A 244 -13.35 0.58 -4.12
C VAL A 244 -11.98 1.17 -3.78
N ALA A 245 -11.02 1.05 -4.69
CA ALA A 245 -9.66 1.54 -4.38
C ALA A 245 -9.67 3.08 -4.35
N ALA A 246 -10.46 3.71 -5.23
CA ALA A 246 -10.50 5.21 -5.28
C ALA A 246 -11.19 5.73 -4.02
N ALA A 247 -12.27 5.06 -3.61
CA ALA A 247 -13.01 5.52 -2.43
C ALA A 247 -12.15 5.38 -1.17
N ALA A 248 -11.57 4.19 -0.96
CA ALA A 248 -10.74 3.92 0.23
C ALA A 248 -9.53 4.85 0.32
N ALA A 249 -8.79 4.97 -0.79
CA ALA A 249 -7.61 5.82 -0.86
C ALA A 249 -7.95 7.28 -0.63
N GLY A 250 -9.11 7.68 -1.13
CA GLY A 250 -9.57 9.09 -1.02
C GLY A 250 -9.79 9.42 0.43
N HIS A 251 -10.15 8.41 1.25
CA HIS A 251 -10.17 8.60 2.70
C HIS A 251 -8.84 8.25 3.40
N LEU A 252 -7.78 8.09 2.63
CA LEU A 252 -6.44 7.74 3.18
C LEU A 252 -6.40 6.42 3.95
N LYS A 253 -7.26 5.49 3.55
CA LYS A 253 -7.25 4.14 4.13
C LYS A 253 -6.20 3.26 3.41
N HIS A 254 -5.67 2.24 4.09
CA HIS A 254 -4.83 1.27 3.41
C HIS A 254 -5.70 0.37 2.52
N VAL A 255 -5.14 -0.07 1.41
CA VAL A 255 -5.89 -0.85 0.45
C VAL A 255 -5.04 -1.96 -0.14
N THR A 256 -5.65 -3.13 -0.25
CA THR A 256 -5.01 -4.22 -0.90
C THR A 256 -6.15 -4.92 -1.70
N MET A 257 -5.84 -5.53 -2.85
CA MET A 257 -6.87 -6.24 -3.63
C MET A 257 -6.31 -7.21 -4.59
N GLU A 258 -7.13 -8.20 -4.89
CA GLU A 258 -6.84 -9.17 -5.89
C GLU A 258 -8.01 -9.21 -6.86
N LEU A 259 -7.74 -8.89 -8.12
CA LEU A 259 -8.79 -8.58 -9.08
C LEU A 259 -8.90 -9.59 -10.26
N GLY A 260 -8.17 -10.70 -10.20
CA GLY A 260 -8.32 -11.74 -11.24
C GLY A 260 -7.57 -11.46 -12.54
N GLY A 261 -8.08 -12.04 -13.63
CA GLY A 261 -7.44 -11.90 -14.96
C GLY A 261 -6.91 -13.25 -15.45
N LYS A 262 -7.42 -13.76 -16.57
CA LYS A 262 -6.84 -14.94 -17.24
C LYS A 262 -5.30 -14.79 -17.33
N SER A 263 -4.60 -15.86 -17.02
CA SER A 263 -3.17 -15.86 -16.94
C SER A 263 -2.66 -16.79 -18.00
N PRO A 264 -1.39 -16.63 -18.42
CA PRO A 264 -0.97 -17.52 -19.49
C PRO A 264 -0.26 -18.76 -18.97
N MET A 265 -0.47 -19.88 -19.64
CA MET A 265 0.27 -21.09 -19.38
C MET A 265 0.94 -21.47 -20.72
N ILE A 266 2.27 -21.62 -20.72
CA ILE A 266 3.07 -21.83 -21.92
C ILE A 266 3.75 -23.19 -21.93
N VAL A 267 3.46 -24.00 -22.95
CA VAL A 267 3.95 -25.38 -23.02
C VAL A 267 4.92 -25.54 -24.18
N PHE A 268 6.14 -25.94 -23.87
CA PHE A 268 7.15 -26.03 -24.86
C PHE A 268 7.25 -27.48 -25.33
N ASP A 269 7.84 -27.68 -26.53
CA ASP A 269 8.10 -29.02 -27.15
C ASP A 269 8.61 -30.08 -26.17
N ASP A 270 9.50 -29.68 -25.27
CA ASP A 270 10.11 -30.63 -24.37
C ASP A 270 9.34 -30.77 -23.01
N ALA A 271 8.11 -30.28 -22.96
CA ALA A 271 7.34 -30.39 -21.71
C ALA A 271 6.98 -31.83 -21.37
N ASP A 272 6.79 -32.12 -20.08
CA ASP A 272 6.07 -33.31 -19.73
C ASP A 272 4.61 -33.07 -20.12
N ILE A 273 4.21 -33.71 -21.22
CA ILE A 273 2.88 -33.50 -21.84
C ILE A 273 1.72 -33.80 -20.96
N GLU A 274 1.77 -34.92 -20.27
CA GLU A 274 0.66 -35.33 -19.45
C GLU A 274 0.52 -34.36 -18.27
N SER A 275 1.65 -33.87 -17.79
CA SER A 275 1.70 -32.86 -16.72
C SER A 275 1.09 -31.55 -17.20
N ALA A 276 1.57 -31.07 -18.34
CA ALA A 276 1.00 -29.84 -18.96
C ALA A 276 -0.50 -29.89 -19.22
N VAL A 277 -1.01 -31.03 -19.72
CA VAL A 277 -2.44 -31.29 -19.80
C VAL A 277 -3.21 -31.19 -18.45
N GLY A 278 -2.70 -31.82 -17.38
CA GLY A 278 -3.33 -31.73 -16.05
C GLY A 278 -3.41 -30.25 -15.62
N GLY A 279 -2.31 -29.49 -15.82
CA GLY A 279 -2.27 -28.03 -15.53
C GLY A 279 -3.32 -27.25 -16.27
N ALA A 280 -3.43 -27.43 -17.57
CA ALA A 280 -4.45 -26.75 -18.31
C ALA A 280 -5.84 -27.14 -17.86
N MET A 281 -6.04 -28.41 -17.60
CA MET A 281 -7.34 -28.88 -17.16
C MET A 281 -7.67 -28.24 -15.82
N LEU A 282 -6.71 -28.16 -14.93
CA LEU A 282 -6.95 -27.53 -13.68
C LEU A 282 -7.28 -26.08 -13.87
N GLY A 283 -6.55 -25.43 -14.75
CA GLY A 283 -6.70 -24.01 -14.95
C GLY A 283 -7.99 -23.62 -15.62
N ASN A 284 -8.63 -24.56 -16.31
CA ASN A 284 -9.84 -24.23 -17.09
C ASN A 284 -11.10 -25.02 -16.77
N PHE A 285 -10.96 -26.21 -16.21
CA PHE A 285 -12.12 -27.11 -16.03
C PHE A 285 -12.50 -27.31 -14.56
N TYR A 286 -11.85 -28.28 -13.89
CA TYR A 286 -12.05 -28.55 -12.45
C TYR A 286 -11.76 -27.21 -11.82
N SER A 287 -10.95 -26.41 -12.51
CA SER A 287 -10.47 -25.10 -12.06
C SER A 287 -11.50 -24.05 -11.70
N SER A 288 -11.32 -23.57 -10.48
CA SER A 288 -12.07 -22.47 -9.91
C SER A 288 -11.08 -21.78 -8.96
N GLY A 289 -11.56 -21.31 -7.80
CA GLY A 289 -10.69 -20.64 -6.82
C GLY A 289 -10.13 -19.34 -7.36
N GLN A 290 -9.21 -18.73 -6.62
CA GLN A 290 -8.73 -17.39 -6.97
C GLN A 290 -8.13 -17.26 -8.40
N VAL A 291 -7.31 -18.22 -8.82
CA VAL A 291 -6.54 -18.09 -10.08
C VAL A 291 -7.24 -18.60 -11.36
N CYS A 292 -7.92 -19.73 -11.22
CA CYS A 292 -8.56 -20.39 -12.36
C CYS A 292 -10.06 -20.06 -12.52
N SER A 293 -10.58 -19.23 -11.60
CA SER A 293 -11.98 -18.81 -11.60
C SER A 293 -12.43 -18.43 -13.02
N ASN A 294 -11.57 -17.67 -13.71
CA ASN A 294 -11.87 -16.95 -14.95
C ASN A 294 -11.26 -17.60 -16.21
N GLY A 295 -10.41 -18.62 -15.99
CA GLY A 295 -9.76 -19.41 -17.04
C GLY A 295 -8.28 -19.06 -17.23
N THR A 296 -7.58 -19.90 -17.97
CA THR A 296 -6.20 -19.57 -18.37
C THR A 296 -6.05 -19.68 -19.91
N ARG A 297 -5.15 -18.91 -20.48
CA ARG A 297 -4.86 -18.99 -21.91
C ARG A 297 -3.73 -19.98 -22.07
N VAL A 298 -3.94 -21.04 -22.82
CA VAL A 298 -2.90 -22.05 -22.97
C VAL A 298 -2.16 -21.86 -24.31
N PHE A 299 -0.83 -21.73 -24.27
CA PHE A 299 -0.02 -21.59 -25.47
C PHE A 299 0.76 -22.91 -25.58
N VAL A 300 0.68 -23.58 -26.73
CA VAL A 300 1.41 -24.84 -26.99
C VAL A 300 2.38 -24.66 -28.15
N GLN A 301 3.61 -25.17 -28.01
CA GLN A 301 4.55 -25.02 -29.08
C GLN A 301 4.18 -26.07 -30.19
N LYS A 302 4.50 -25.73 -31.43
CA LYS A 302 4.07 -26.52 -32.61
C LYS A 302 4.31 -28.01 -32.45
N LYS A 303 5.53 -28.41 -32.08
CA LYS A 303 5.92 -29.82 -32.16
C LYS A 303 5.32 -30.64 -31.04
N ALA A 304 4.58 -30.00 -30.15
CA ALA A 304 3.91 -30.70 -29.05
C ALA A 304 2.38 -30.62 -29.21
N LYS A 305 1.90 -29.76 -30.11
CA LYS A 305 0.49 -29.56 -30.29
C LYS A 305 -0.28 -30.88 -30.29
N ALA A 306 0.19 -31.83 -31.07
CA ALA A 306 -0.58 -33.08 -31.32
C ALA A 306 -0.64 -34.04 -30.14
N ARG A 307 0.49 -34.36 -29.51
CA ARG A 307 0.40 -35.10 -28.24
C ARG A 307 -0.52 -34.33 -27.24
N PHE A 308 -0.38 -33.00 -27.17
CA PHE A 308 -1.14 -32.18 -26.20
C PHE A 308 -2.67 -32.33 -26.40
N LEU A 309 -3.18 -32.01 -27.59
CA LEU A 309 -4.60 -32.17 -27.91
C LEU A 309 -5.18 -33.57 -27.70
N GLU A 310 -4.42 -34.60 -27.99
CA GLU A 310 -4.96 -35.94 -27.88
C GLU A 310 -5.04 -36.44 -26.42
N ASN A 311 -4.04 -36.11 -25.62
CA ASN A 311 -4.12 -36.50 -24.23
C ASN A 311 -5.29 -35.69 -23.59
N LEU A 312 -5.32 -34.39 -23.89
CA LEU A 312 -6.38 -33.52 -23.42
C LEU A 312 -7.81 -33.96 -23.82
N LYS A 313 -7.96 -34.42 -25.06
CA LYS A 313 -9.27 -34.90 -25.55
C LYS A 313 -9.70 -36.10 -24.75
N ARG A 314 -8.83 -37.10 -24.74
CA ARG A 314 -9.08 -38.32 -24.01
C ARG A 314 -9.54 -37.97 -22.59
N ARG A 315 -8.65 -37.36 -21.79
CA ARG A 315 -8.97 -37.00 -20.40
C ARG A 315 -10.19 -36.13 -20.22
N THR A 316 -10.36 -35.12 -21.07
CA THR A 316 -11.50 -34.28 -20.94
C THR A 316 -12.82 -35.09 -21.05
N GLU A 317 -12.81 -36.12 -21.88
CA GLU A 317 -14.06 -36.86 -22.18
C GLU A 317 -14.32 -37.88 -21.07
N ALA A 318 -13.27 -38.20 -20.29
CA ALA A 318 -13.40 -39.06 -19.09
C ALA A 318 -14.07 -38.34 -17.91
N MET A 319 -14.13 -37.03 -17.97
CA MET A 319 -14.69 -36.22 -16.89
C MET A 319 -16.18 -36.54 -16.71
N ILE A 320 -16.58 -36.81 -15.47
CA ILE A 320 -17.95 -37.05 -15.07
C ILE A 320 -18.61 -35.72 -14.73
N LEU A 321 -19.71 -35.42 -15.41
CA LEU A 321 -20.48 -34.23 -15.15
C LEU A 321 -21.60 -34.67 -14.26
N GLY A 322 -22.01 -33.82 -13.32
CA GLY A 322 -23.08 -34.24 -12.43
C GLY A 322 -23.31 -33.39 -11.22
N ASP A 323 -24.09 -33.96 -10.30
CA ASP A 323 -24.43 -33.38 -9.01
C ASP A 323 -23.12 -33.12 -8.22
N PRO A 324 -22.92 -31.86 -7.84
CA PRO A 324 -21.63 -31.51 -7.19
C PRO A 324 -21.55 -32.04 -5.77
N LEU A 325 -22.66 -32.36 -5.15
CA LEU A 325 -22.68 -33.08 -3.89
C LEU A 325 -22.21 -34.53 -3.95
N ASP A 326 -22.09 -35.09 -5.14
CA ASP A 326 -21.66 -36.49 -5.28
C ASP A 326 -20.13 -36.55 -5.42
N TYR A 327 -19.46 -37.36 -4.63
CA TYR A 327 -18.00 -37.48 -4.79
C TYR A 327 -17.45 -37.93 -6.09
N ALA A 328 -18.27 -38.51 -6.99
CA ALA A 328 -17.72 -38.91 -8.30
C ALA A 328 -17.68 -37.78 -9.32
N THR A 329 -18.44 -36.73 -9.09
CA THR A 329 -18.53 -35.63 -10.05
C THR A 329 -17.20 -34.88 -10.16
N HIS A 330 -16.75 -34.68 -11.39
CA HIS A 330 -15.61 -33.85 -11.68
C HIS A 330 -16.01 -32.41 -11.98
N LEU A 331 -17.19 -32.24 -12.55
CA LEU A 331 -17.70 -30.95 -13.04
C LEU A 331 -19.20 -30.83 -12.80
N GLY A 332 -19.60 -29.78 -12.08
CA GLY A 332 -20.99 -29.59 -11.72
C GLY A 332 -21.65 -28.77 -12.78
N PRO A 333 -22.97 -28.50 -12.67
CA PRO A 333 -23.61 -27.58 -13.63
C PRO A 333 -23.20 -26.12 -13.40
N LEU A 334 -23.66 -25.23 -14.28
CA LEU A 334 -23.42 -23.78 -14.14
C LEU A 334 -24.44 -23.13 -13.21
N VAL A 335 -24.15 -21.90 -12.73
CA VAL A 335 -25.02 -21.20 -11.75
C VAL A 335 -26.45 -20.97 -12.22
N SER A 336 -26.64 -20.55 -13.46
CA SER A 336 -27.99 -20.30 -13.99
C SER A 336 -28.15 -20.86 -15.41
N LYS A 337 -29.37 -20.94 -15.91
CA LYS A 337 -29.53 -21.10 -17.34
C LYS A 337 -28.91 -19.91 -18.12
N ALA A 338 -29.09 -18.68 -17.61
CA ALA A 338 -28.46 -17.50 -18.24
C ALA A 338 -26.94 -17.63 -18.44
N GLN A 339 -26.27 -18.34 -17.53
CA GLN A 339 -24.85 -18.65 -17.68
C GLN A 339 -24.62 -19.61 -18.80
N GLN A 340 -25.43 -20.68 -18.82
CA GLN A 340 -25.36 -21.70 -19.85
C GLN A 340 -25.51 -21.02 -21.22
N GLU A 341 -26.55 -20.19 -21.40
CA GLU A 341 -26.71 -19.33 -22.61
C GLU A 341 -25.41 -18.65 -22.96
N LYS A 342 -25.02 -17.66 -22.14
CA LYS A 342 -23.78 -16.91 -22.32
C LYS A 342 -22.61 -17.77 -22.78
N VAL A 343 -22.42 -18.94 -22.14
CA VAL A 343 -21.32 -19.84 -22.46
C VAL A 343 -21.50 -20.48 -23.87
N LEU A 344 -22.74 -20.74 -24.27
CA LEU A 344 -23.00 -21.34 -25.59
C LEU A 344 -22.93 -20.36 -26.80
N SER A 345 -23.14 -19.06 -26.56
CA SER A 345 -22.98 -18.05 -27.60
C SER A 345 -21.50 -17.88 -27.81
N TYR A 346 -20.81 -17.69 -26.68
CA TYR A 346 -19.37 -17.75 -26.64
C TYR A 346 -18.85 -18.92 -27.51
N ILE A 347 -19.35 -20.12 -27.28
CA ILE A 347 -18.97 -21.29 -28.09
C ILE A 347 -19.15 -21.02 -29.59
N GLU A 348 -20.36 -20.54 -29.94
CA GLU A 348 -20.71 -20.34 -31.35
C GLU A 348 -19.87 -19.21 -31.90
N LYS A 349 -19.72 -18.13 -31.15
CA LYS A 349 -18.79 -17.05 -31.50
C LYS A 349 -17.40 -17.57 -31.85
N GLY A 350 -16.96 -18.62 -31.15
CA GLY A 350 -15.70 -19.27 -31.44
C GLY A 350 -15.73 -20.15 -32.69
N LYS A 351 -16.78 -20.97 -32.83
CA LYS A 351 -16.98 -21.76 -34.05
C LYS A 351 -17.08 -20.84 -35.26
N ALA A 352 -17.78 -19.74 -35.09
CA ALA A 352 -17.93 -18.79 -36.15
C ALA A 352 -16.62 -18.14 -36.53
N GLU A 353 -15.80 -17.84 -35.56
CA GLU A 353 -14.51 -17.20 -35.80
C GLU A 353 -13.59 -18.10 -36.59
N GLY A 354 -13.84 -19.40 -36.56
CA GLY A 354 -13.00 -20.36 -37.25
C GLY A 354 -12.09 -21.25 -36.42
N ALA A 355 -12.16 -21.10 -35.11
CA ALA A 355 -11.40 -21.97 -34.19
C ALA A 355 -11.90 -23.41 -34.27
N THR A 356 -11.00 -24.37 -34.14
CA THR A 356 -11.38 -25.78 -34.22
C THR A 356 -11.92 -26.34 -32.89
N LEU A 357 -13.06 -27.02 -32.97
CA LEU A 357 -13.67 -27.66 -31.81
C LEU A 357 -13.03 -29.02 -31.57
N ILE A 358 -12.35 -29.19 -30.44
CA ILE A 358 -11.68 -30.46 -30.19
C ILE A 358 -12.63 -31.46 -29.49
N THR A 359 -13.41 -30.93 -28.56
CA THR A 359 -14.30 -31.73 -27.74
C THR A 359 -15.25 -30.75 -27.07
N GLY A 360 -16.43 -31.22 -26.70
CA GLY A 360 -17.45 -30.37 -26.08
C GLY A 360 -18.34 -29.66 -27.07
N GLY A 361 -18.68 -28.41 -26.78
CA GLY A 361 -19.53 -27.62 -27.68
C GLY A 361 -21.03 -27.64 -27.40
N GLY A 362 -21.55 -28.65 -26.73
CA GLY A 362 -23.00 -28.67 -26.48
C GLY A 362 -23.48 -28.94 -25.06
N ILE A 363 -24.77 -29.11 -24.95
CA ILE A 363 -25.36 -29.55 -23.73
C ILE A 363 -25.18 -31.04 -23.76
N PRO A 364 -24.75 -31.59 -22.67
CA PRO A 364 -24.54 -33.01 -22.57
C PRO A 364 -25.81 -33.77 -22.41
N ASN A 365 -25.70 -35.06 -22.63
CA ASN A 365 -26.58 -36.11 -22.17
C ASN A 365 -25.68 -37.33 -22.01
N ASN A 366 -26.00 -38.21 -21.09
CA ASN A 366 -27.10 -38.02 -20.24
C ASN A 366 -26.49 -37.87 -18.89
N VAL A 367 -26.79 -36.76 -18.25
CA VAL A 367 -26.39 -36.53 -16.90
C VAL A 367 -27.61 -36.32 -16.06
N ALA A 368 -28.64 -35.80 -16.70
CA ALA A 368 -29.72 -35.02 -16.14
C ALA A 368 -30.42 -35.65 -14.97
N GLY A 369 -30.98 -34.85 -14.07
CA GLY A 369 -31.32 -33.45 -14.18
C GLY A 369 -31.40 -33.10 -12.72
N GLU A 370 -31.57 -31.84 -12.32
CA GLU A 370 -32.09 -30.70 -13.07
C GLU A 370 -31.13 -29.55 -13.39
N GLY A 371 -29.86 -29.81 -13.39
CA GLY A 371 -28.92 -28.71 -13.61
C GLY A 371 -28.76 -28.21 -15.04
N ALA A 372 -28.18 -27.02 -15.17
CA ALA A 372 -27.79 -26.43 -16.45
C ALA A 372 -26.28 -26.67 -16.75
N TYR A 373 -26.01 -27.75 -17.50
CA TYR A 373 -24.66 -28.21 -17.88
C TYR A 373 -24.19 -27.79 -19.29
N VAL A 374 -22.88 -27.50 -19.38
CA VAL A 374 -22.11 -27.45 -20.64
C VAL A 374 -20.96 -28.48 -20.63
N GLN A 375 -20.86 -29.28 -21.70
CA GLN A 375 -19.71 -30.16 -21.83
C GLN A 375 -18.41 -29.37 -21.64
N PRO A 376 -17.38 -30.00 -21.03
CA PRO A 376 -16.09 -29.35 -20.94
C PRO A 376 -15.59 -29.23 -22.37
N THR A 377 -15.21 -28.03 -22.79
CA THR A 377 -14.97 -27.83 -24.21
C THR A 377 -13.60 -27.24 -24.53
N VAL A 378 -13.01 -27.73 -25.62
CA VAL A 378 -11.72 -27.26 -26.06
C VAL A 378 -11.80 -26.62 -27.45
N PHE A 379 -11.29 -25.40 -27.54
CA PHE A 379 -11.01 -24.76 -28.83
C PHE A 379 -9.51 -24.72 -29.11
N ALA A 380 -9.14 -25.08 -30.34
CA ALA A 380 -7.74 -25.04 -30.82
C ALA A 380 -7.62 -24.14 -32.07
N ASP A 381 -6.41 -23.90 -32.56
CA ASP A 381 -6.21 -22.97 -33.65
C ASP A 381 -6.76 -21.57 -33.32
N VAL A 382 -6.82 -21.27 -32.03
CA VAL A 382 -7.22 -19.95 -31.57
C VAL A 382 -6.06 -19.01 -31.80
N THR A 383 -6.37 -17.77 -32.19
CA THR A 383 -5.38 -16.75 -32.53
C THR A 383 -5.72 -15.52 -31.71
N ASP A 384 -4.77 -14.60 -31.55
CA ASP A 384 -4.89 -13.50 -30.57
C ASP A 384 -6.07 -12.56 -30.75
N ASP A 385 -6.45 -12.35 -32.00
CA ASP A 385 -7.43 -11.33 -32.39
C ASP A 385 -8.87 -11.79 -32.10
N MET A 386 -9.05 -13.11 -32.11
CA MET A 386 -10.33 -13.81 -31.88
C MET A 386 -11.11 -13.30 -30.66
N THR A 387 -12.41 -13.23 -30.82
CA THR A 387 -13.26 -12.76 -29.79
C THR A 387 -13.09 -13.66 -28.59
N ILE A 388 -13.00 -14.96 -28.82
CA ILE A 388 -12.87 -15.86 -27.66
C ILE A 388 -11.63 -15.63 -26.87
N ALA A 389 -10.52 -15.43 -27.54
CA ALA A 389 -9.29 -15.18 -26.82
C ALA A 389 -9.36 -13.89 -26.04
N ARG A 390 -9.98 -12.87 -26.61
CA ARG A 390 -10.08 -11.58 -25.97
C ARG A 390 -10.98 -11.51 -24.75
N GLU A 391 -12.19 -12.02 -24.86
CA GLU A 391 -13.13 -12.00 -23.76
C GLU A 391 -12.97 -13.13 -22.72
N GLU A 392 -12.50 -12.74 -21.53
CA GLU A 392 -12.51 -13.55 -20.27
C GLU A 392 -13.90 -14.18 -19.99
N ILE A 393 -13.98 -15.48 -19.68
CA ILE A 393 -15.29 -16.06 -19.32
C ILE A 393 -15.25 -17.02 -18.10
N PHE A 394 -16.38 -17.13 -17.38
CA PHE A 394 -16.60 -18.16 -16.36
C PHE A 394 -17.28 -19.38 -17.00
N GLY A 395 -16.59 -20.51 -17.05
CA GLY A 395 -17.14 -21.70 -17.69
C GLY A 395 -16.06 -22.68 -18.10
N PRO A 396 -16.44 -23.90 -18.48
CA PRO A 396 -15.45 -24.94 -18.79
C PRO A 396 -15.00 -24.89 -20.25
N VAL A 397 -14.27 -23.85 -20.61
CA VAL A 397 -13.81 -23.73 -21.98
C VAL A 397 -12.32 -23.39 -22.05
N MET A 398 -11.58 -24.14 -22.84
CA MET A 398 -10.15 -23.90 -22.97
C MET A 398 -9.88 -23.39 -24.41
N CYS A 399 -9.10 -22.32 -24.49
CA CYS A 399 -8.54 -21.80 -25.73
C CYS A 399 -7.10 -22.17 -25.77
N VAL A 400 -6.73 -22.89 -26.83
CA VAL A 400 -5.35 -23.34 -27.08
C VAL A 400 -4.78 -22.56 -28.28
N LEU A 401 -3.73 -21.80 -28.03
CA LEU A 401 -3.09 -21.04 -29.06
C LEU A 401 -1.76 -21.69 -29.44
N ASP A 402 -1.43 -21.76 -30.72
CA ASP A 402 -0.12 -22.26 -31.14
C ASP A 402 0.93 -21.13 -31.11
N PHE A 403 2.20 -21.49 -30.93
CA PHE A 403 3.29 -20.51 -31.10
C PHE A 403 4.51 -21.26 -31.65
N ASP A 404 5.48 -20.54 -32.20
CA ASP A 404 6.66 -21.23 -32.66
C ASP A 404 7.88 -20.93 -31.83
N ASP A 405 8.01 -19.69 -31.35
CA ASP A 405 9.24 -19.26 -30.67
C ASP A 405 9.01 -18.66 -29.28
N GLU A 406 10.05 -18.80 -28.49
CA GLU A 406 10.04 -18.25 -27.15
C GLU A 406 9.76 -16.72 -27.12
N ASP A 407 10.44 -15.92 -27.93
CA ASP A 407 10.26 -14.46 -27.85
C ASP A 407 8.88 -14.09 -28.30
N GLU A 408 8.42 -14.82 -29.32
CA GLU A 408 7.06 -14.65 -29.78
C GLU A 408 6.05 -14.81 -28.62
N VAL A 409 6.08 -15.96 -27.93
CA VAL A 409 5.07 -16.14 -26.85
C VAL A 409 5.15 -15.20 -25.71
N LEU A 410 6.36 -14.88 -25.22
CA LEU A 410 6.50 -13.93 -24.12
C LEU A 410 5.73 -12.65 -24.43
N ALA A 411 6.03 -12.08 -25.60
CA ALA A 411 5.35 -10.90 -26.15
C ALA A 411 3.83 -11.05 -26.06
N ARG A 412 3.35 -12.14 -26.65
CA ARG A 412 1.93 -12.37 -26.69
C ARG A 412 1.36 -12.58 -25.30
N ALA A 413 2.05 -13.36 -24.47
CA ALA A 413 1.55 -13.69 -23.13
C ALA A 413 1.47 -12.43 -22.24
N ASN A 414 2.37 -11.46 -22.51
CA ASN A 414 2.50 -10.27 -21.70
C ASN A 414 1.59 -9.13 -22.15
N ALA A 415 1.02 -9.24 -23.36
CA ALA A 415 0.26 -8.16 -23.93
C ALA A 415 -1.17 -8.26 -23.44
N THR A 416 -1.33 -8.00 -22.16
CA THR A 416 -2.61 -8.05 -21.49
C THR A 416 -2.57 -6.95 -20.47
N GLU A 417 -3.75 -6.56 -20.03
CA GLU A 417 -3.92 -5.63 -18.94
C GLU A 417 -3.51 -6.28 -17.61
N PHE A 418 -3.91 -7.54 -17.44
CA PHE A 418 -3.77 -8.30 -16.20
C PHE A 418 -2.40 -8.91 -15.97
N GLY A 419 -2.11 -9.20 -14.72
CA GLY A 419 -0.86 -9.85 -14.39
C GLY A 419 -1.02 -10.55 -13.08
N LEU A 420 -1.97 -11.50 -13.03
CA LEU A 420 -2.14 -12.35 -11.84
C LEU A 420 -1.06 -13.43 -11.77
N ALA A 421 -1.06 -14.34 -12.76
CA ALA A 421 -0.27 -15.56 -12.69
C ALA A 421 0.27 -15.97 -14.05
N GLY A 422 0.86 -17.15 -14.11
CA GLY A 422 1.31 -17.73 -15.37
C GLY A 422 2.10 -18.97 -14.99
N GLY A 423 2.29 -19.88 -15.94
CA GLY A 423 3.26 -20.97 -15.74
C GLY A 423 3.92 -21.41 -17.02
N VAL A 424 4.96 -22.21 -16.88
CA VAL A 424 5.70 -22.72 -17.99
C VAL A 424 5.98 -24.19 -17.81
N PHE A 425 5.69 -24.99 -18.84
CA PHE A 425 6.16 -26.37 -18.91
C PHE A 425 7.31 -26.53 -19.93
N THR A 426 8.51 -26.78 -19.41
CA THR A 426 9.71 -27.11 -20.17
C THR A 426 10.60 -27.99 -19.34
N ALA A 427 11.44 -28.80 -19.99
CA ALA A 427 12.38 -29.60 -19.23
C ALA A 427 13.70 -28.85 -19.06
N ASP A 428 13.86 -27.78 -19.85
CA ASP A 428 15.08 -27.01 -19.93
C ASP A 428 15.24 -26.00 -18.77
N LEU A 429 16.34 -26.15 -18.04
CA LEU A 429 16.68 -25.29 -16.90
C LEU A 429 16.65 -23.82 -17.28
N ALA A 430 17.52 -23.46 -18.24
CA ALA A 430 17.71 -22.09 -18.69
C ALA A 430 16.38 -21.47 -19.13
N ARG A 431 15.66 -22.20 -19.98
CA ARG A 431 14.39 -21.74 -20.50
C ARG A 431 13.34 -21.50 -19.41
N ALA A 432 13.24 -22.41 -18.44
CA ALA A 432 12.25 -22.28 -17.38
C ALA A 432 12.39 -20.97 -16.59
N HIS A 433 13.57 -20.71 -16.06
CA HIS A 433 13.85 -19.52 -15.23
C HIS A 433 13.80 -18.24 -16.05
N ARG A 434 14.32 -18.28 -17.26
CA ARG A 434 14.15 -17.18 -18.21
C ARG A 434 12.68 -16.78 -18.49
N VAL A 435 11.82 -17.77 -18.71
CA VAL A 435 10.47 -17.44 -19.13
C VAL A 435 9.70 -16.85 -17.94
N VAL A 436 9.91 -17.46 -16.78
CA VAL A 436 9.33 -16.95 -15.53
C VAL A 436 9.83 -15.50 -15.25
N ASP A 437 11.13 -15.24 -15.46
CA ASP A 437 11.66 -13.88 -15.29
C ASP A 437 10.99 -12.88 -16.24
N GLY A 438 10.71 -13.31 -17.47
CA GLY A 438 10.08 -12.45 -18.48
C GLY A 438 8.57 -12.27 -18.37
N LEU A 439 7.89 -13.22 -17.73
CA LEU A 439 6.45 -13.07 -17.51
C LEU A 439 6.02 -11.99 -16.48
N GLU A 440 5.13 -11.10 -16.91
CA GLU A 440 4.64 -10.02 -16.03
C GLU A 440 3.50 -10.45 -15.14
N ALA A 441 3.85 -11.13 -14.04
CA ALA A 441 2.81 -11.69 -13.22
C ALA A 441 3.29 -11.79 -11.79
N GLY A 442 2.36 -11.87 -10.86
CA GLY A 442 2.71 -11.94 -9.44
C GLY A 442 3.18 -13.33 -9.01
N THR A 443 2.53 -14.36 -9.58
CA THR A 443 2.83 -15.73 -9.18
C THR A 443 2.99 -16.63 -10.39
N LEU A 444 4.18 -17.24 -10.54
CA LEU A 444 4.50 -18.13 -11.62
C LEU A 444 4.75 -19.58 -11.14
N TRP A 445 4.43 -20.53 -12.02
CA TRP A 445 4.75 -21.93 -11.79
C TRP A 445 5.63 -22.49 -12.87
N ILE A 446 6.60 -23.26 -12.44
CA ILE A 446 7.41 -24.05 -13.37
C ILE A 446 7.03 -25.55 -13.24
N ASN A 447 6.48 -26.09 -14.35
CA ASN A 447 6.15 -27.51 -14.52
C ASN A 447 5.03 -27.98 -13.64
N THR A 448 4.17 -27.04 -13.26
CA THR A 448 2.98 -27.40 -12.56
C THR A 448 2.07 -26.20 -12.73
N TYR A 449 0.90 -26.16 -12.09
CA TYR A 449 0.02 -25.01 -12.22
C TYR A 449 -0.92 -24.90 -11.03
N ASN A 450 -1.25 -23.68 -10.63
CA ASN A 450 -2.33 -23.43 -9.64
C ASN A 450 -2.10 -23.99 -8.21
N LEU A 451 -0.85 -24.07 -7.76
CA LEU A 451 -0.56 -24.48 -6.37
C LEU A 451 -0.22 -23.25 -5.54
N CYS A 452 -0.99 -23.02 -4.49
CA CYS A 452 -0.87 -21.81 -3.66
C CYS A 452 -0.69 -22.16 -2.17
N PRO A 453 0.37 -22.91 -1.84
CA PRO A 453 0.58 -23.23 -0.44
C PRO A 453 0.74 -21.90 0.33
N VAL A 454 0.14 -21.88 1.51
CA VAL A 454 0.09 -20.72 2.38
C VAL A 454 1.51 -20.20 2.83
N GLU A 455 2.54 -21.04 2.67
CA GLU A 455 3.91 -20.57 2.97
C GLU A 455 4.40 -19.53 1.97
N ILE A 456 3.73 -19.40 0.81
CA ILE A 456 4.32 -18.53 -0.24
C ILE A 456 3.36 -17.37 -0.52
N PRO A 457 3.93 -16.21 -0.93
CA PRO A 457 3.01 -15.10 -1.20
C PRO A 457 2.14 -15.35 -2.39
N PHE A 458 0.94 -14.77 -2.34
CA PHE A 458 -0.05 -14.83 -3.39
C PHE A 458 -0.61 -13.43 -3.71
N GLY A 459 -0.57 -13.03 -4.97
CA GLY A 459 -1.31 -11.85 -5.42
C GLY A 459 -0.83 -11.47 -6.80
N GLY A 460 -1.38 -10.41 -7.35
CA GLY A 460 -1.03 -10.10 -8.72
C GLY A 460 -0.23 -8.83 -8.94
N SER A 461 0.01 -8.59 -10.22
CA SER A 461 0.60 -7.36 -10.78
C SER A 461 -0.38 -6.63 -11.69
N LYS A 462 0.00 -5.39 -12.00
CA LYS A 462 -0.64 -4.60 -13.07
C LYS A 462 -2.02 -4.33 -12.66
N GLN A 463 -2.96 -4.58 -13.55
CA GLN A 463 -4.34 -4.34 -13.21
C GLN A 463 -4.98 -5.49 -12.42
N SER A 464 -4.16 -6.47 -11.95
CA SER A 464 -4.70 -7.57 -11.13
C SER A 464 -4.71 -7.18 -9.62
N GLY A 465 -4.17 -6.01 -9.31
CA GLY A 465 -4.35 -5.36 -7.98
C GLY A 465 -2.96 -5.26 -7.36
N PHE A 466 -2.93 -5.19 -6.01
CA PHE A 466 -1.69 -5.02 -5.26
C PHE A 466 -1.80 -5.64 -3.89
N GLY A 467 -0.62 -5.78 -3.30
CA GLY A 467 -0.43 -6.50 -2.08
C GLY A 467 -0.37 -8.01 -2.35
N ARG A 468 -0.06 -8.73 -1.29
CA ARG A 468 0.13 -10.17 -1.32
C ARG A 468 -0.58 -10.74 -0.11
N GLU A 469 -1.19 -11.89 -0.35
CA GLU A 469 -1.68 -12.77 0.71
C GLU A 469 -0.71 -13.92 0.94
N ASN A 470 -0.79 -14.53 2.12
CA ASN A 470 0.07 -15.68 2.52
C ASN A 470 1.53 -15.33 2.68
N SER A 471 2.34 -16.26 3.23
CA SER A 471 3.72 -15.99 3.66
C SER A 471 3.78 -14.90 4.75
N ALA A 472 4.94 -14.71 5.33
CA ALA A 472 5.10 -13.60 6.31
C ALA A 472 4.80 -12.24 5.62
N ALA A 473 5.03 -12.15 4.30
CA ALA A 473 4.83 -10.86 3.62
C ALA A 473 3.39 -10.26 3.76
N ALA A 474 2.37 -11.10 3.97
CA ALA A 474 0.99 -10.63 4.17
C ALA A 474 0.82 -9.67 5.32
N LEU A 475 1.65 -9.87 6.33
CA LEU A 475 1.61 -9.05 7.53
C LEU A 475 1.98 -7.57 7.25
N GLU A 476 2.79 -7.28 6.20
CA GLU A 476 3.12 -5.87 5.88
C GLU A 476 1.87 -5.11 5.53
N HIS A 477 0.83 -5.81 5.07
CA HIS A 477 -0.43 -5.13 4.72
C HIS A 477 -1.43 -4.92 5.86
N TYR A 478 -1.18 -5.54 7.02
CA TYR A 478 -2.12 -5.53 8.12
C TYR A 478 -1.47 -4.92 9.32
N SER A 479 -0.30 -4.29 9.13
CA SER A 479 0.42 -3.62 10.23
C SER A 479 1.20 -2.43 9.65
N GLU A 480 1.70 -1.53 10.50
CA GLU A 480 2.59 -0.53 9.97
C GLU A 480 3.67 -0.38 11.01
N LEU A 481 4.79 0.25 10.61
CA LEU A 481 5.92 0.36 11.50
C LEU A 481 5.73 1.55 12.42
N LYS A 482 5.77 1.35 13.70
CA LYS A 482 5.95 2.54 14.51
C LYS A 482 7.43 2.63 14.93
N THR A 483 8.08 3.76 14.73
CA THR A 483 9.50 3.92 15.10
C THR A 483 9.67 4.72 16.40
N VAL A 484 10.45 4.23 17.34
CA VAL A 484 10.71 4.94 18.62
C VAL A 484 12.19 5.20 18.71
N TYR A 485 12.55 6.48 18.59
CA TYR A 485 13.92 6.96 18.72
C TYR A 485 14.21 7.26 20.20
N VAL A 486 15.26 6.62 20.71
CA VAL A 486 15.56 6.70 22.14
C VAL A 486 16.83 7.54 22.33
N SER A 487 16.66 8.82 22.73
CA SER A 487 17.83 9.63 23.10
C SER A 487 18.41 9.02 24.38
N THR A 488 19.72 8.76 24.38
CA THR A 488 20.30 8.10 25.57
C THR A 488 21.03 9.13 26.39
N GLY A 489 21.35 10.27 25.77
CA GLY A 489 22.12 11.34 26.41
C GLY A 489 21.48 12.68 26.08
N PRO B 8 21.22 38.45 -16.44
CA PRO B 8 21.45 37.11 -15.82
C PRO B 8 20.82 37.03 -14.41
N LEU B 9 19.80 36.19 -14.22
CA LEU B 9 19.13 36.09 -12.89
C LEU B 9 19.99 35.30 -11.91
N LYS B 10 19.86 35.62 -10.62
CA LYS B 10 20.65 35.00 -9.57
C LYS B 10 20.81 33.46 -9.66
N ALA B 11 19.71 32.74 -9.92
CA ALA B 11 19.75 31.29 -9.88
C ALA B 11 19.01 30.73 -11.07
N GLN B 12 19.34 31.21 -12.26
CA GLN B 12 18.60 30.76 -13.40
C GLN B 12 19.17 29.43 -13.92
N PRO B 13 18.35 28.37 -13.89
CA PRO B 13 18.80 27.09 -14.44
C PRO B 13 18.90 27.19 -15.97
N LYS B 14 19.65 26.29 -16.60
CA LYS B 14 19.70 26.22 -18.04
C LYS B 14 18.31 26.10 -18.66
N ALA B 15 17.40 25.43 -17.97
CA ALA B 15 16.05 25.20 -18.47
C ALA B 15 15.20 24.79 -17.28
N SER B 16 13.89 24.90 -17.44
CA SER B 16 12.91 24.55 -16.41
C SER B 16 12.98 23.04 -15.99
N HIS B 17 13.31 22.16 -16.94
CA HIS B 17 13.14 20.71 -16.76
C HIS B 17 14.46 20.01 -16.96
N PHE B 18 14.58 18.80 -16.43
CA PHE B 18 15.75 17.98 -16.68
C PHE B 18 15.24 16.65 -17.14
N ILE B 19 15.38 16.36 -18.43
CA ILE B 19 14.79 15.12 -18.97
C ILE B 19 15.82 14.35 -19.82
N ASP B 20 15.89 13.05 -19.55
CA ASP B 20 16.70 12.15 -20.40
C ASP B 20 18.14 12.72 -20.55
N GLY B 21 18.76 13.12 -19.46
CA GLY B 21 20.21 13.40 -19.46
C GLY B 21 20.55 14.88 -19.61
N ASP B 22 19.57 15.71 -19.95
CA ASP B 22 19.89 17.12 -20.23
C ASP B 22 18.73 18.08 -19.90
N TYR B 23 19.07 19.33 -19.71
CA TYR B 23 18.05 20.35 -19.48
C TYR B 23 17.15 20.55 -20.71
N VAL B 24 15.86 20.68 -20.49
CA VAL B 24 14.90 20.75 -21.56
C VAL B 24 13.87 21.84 -21.23
N GLU B 25 13.62 22.73 -22.18
CA GLU B 25 12.60 23.81 -22.06
C GLU B 25 11.38 23.57 -22.95
N ASP B 26 10.24 24.08 -22.49
CA ASP B 26 9.08 24.35 -23.34
C ASP B 26 8.42 25.66 -22.86
N ASN B 27 8.73 26.76 -23.53
CA ASN B 27 8.24 28.12 -23.11
C ASN B 27 6.74 28.38 -23.33
N THR B 28 6.07 27.38 -23.85
CA THR B 28 4.63 27.33 -24.02
C THR B 28 3.89 27.06 -22.71
N GLY B 29 4.59 26.49 -21.73
CA GLY B 29 3.97 26.12 -20.49
C GLY B 29 3.75 27.37 -19.68
N THR B 30 2.90 27.28 -18.67
CA THR B 30 2.60 28.37 -17.78
C THR B 30 3.82 28.95 -17.06
N PRO B 31 4.07 30.25 -17.30
CA PRO B 31 5.27 30.81 -16.68
C PRO B 31 5.09 31.02 -15.17
N PHE B 32 6.19 30.90 -14.39
CA PHE B 32 6.18 31.18 -12.94
C PHE B 32 7.57 31.56 -12.46
N GLU B 33 7.67 32.16 -11.28
CA GLU B 33 8.97 32.68 -10.82
C GLU B 33 9.32 32.16 -9.46
N SER B 34 10.60 32.02 -9.22
CA SER B 34 11.04 31.77 -7.88
C SER B 34 11.55 33.10 -7.35
N ILE B 35 11.19 33.37 -6.10
CA ILE B 35 11.39 34.66 -5.44
C ILE B 35 12.03 34.41 -4.07
N PHE B 36 13.21 34.99 -3.85
CA PHE B 36 13.92 34.95 -2.56
C PHE B 36 13.09 35.67 -1.48
N PRO B 37 12.54 34.91 -0.50
CA PRO B 37 11.55 35.40 0.45
C PRO B 37 11.97 36.60 1.29
N ALA B 38 13.27 36.89 1.32
CA ALA B 38 13.79 38.01 2.14
C ALA B 38 13.73 39.35 1.39
N THR B 39 14.43 39.43 0.27
CA THR B 39 14.52 40.62 -0.55
C THR B 39 13.33 40.77 -1.55
N GLY B 40 12.58 39.69 -1.77
CA GLY B 40 11.59 39.65 -2.86
C GLY B 40 12.17 39.58 -4.28
N GLU B 41 13.49 39.46 -4.40
CA GLU B 41 14.15 39.39 -5.70
C GLU B 41 13.72 38.13 -6.50
N MET B 42 13.55 38.31 -7.81
CA MET B 42 13.20 37.23 -8.71
C MET B 42 14.49 36.46 -9.02
N ILE B 43 14.64 35.25 -8.48
CA ILE B 43 15.90 34.49 -8.70
C ILE B 43 15.93 33.62 -9.96
N ALA B 44 14.77 33.31 -10.52
CA ALA B 44 14.66 32.43 -11.70
C ALA B 44 13.30 32.55 -12.38
N LYS B 45 13.26 32.33 -13.70
CA LYS B 45 12.01 32.28 -14.47
C LYS B 45 11.81 30.87 -15.00
N LEU B 46 10.61 30.35 -14.86
CA LEU B 46 10.34 28.96 -15.18
C LEU B 46 9.09 28.80 -15.95
N HIS B 47 8.99 27.63 -16.59
CA HIS B 47 7.71 27.20 -17.17
C HIS B 47 7.24 25.87 -16.59
N ALA B 48 5.99 25.85 -16.12
CA ALA B 48 5.28 24.60 -15.80
C ALA B 48 5.28 23.70 -17.01
N ALA B 49 5.32 22.39 -16.74
CA ALA B 49 5.33 21.38 -17.81
C ALA B 49 4.13 21.50 -18.74
N THR B 50 4.37 21.31 -20.02
CA THR B 50 3.31 21.06 -20.95
C THR B 50 3.02 19.55 -21.04
N PRO B 51 1.89 19.20 -21.70
CA PRO B 51 1.63 17.79 -21.94
C PRO B 51 2.75 17.10 -22.73
N ALA B 52 3.43 17.83 -23.63
CA ALA B 52 4.52 17.17 -24.38
C ALA B 52 5.72 16.87 -23.45
N ILE B 53 6.05 17.80 -22.56
CA ILE B 53 7.07 17.57 -21.52
C ILE B 53 6.72 16.36 -20.62
N VAL B 54 5.51 16.33 -20.09
CA VAL B 54 4.99 15.14 -19.39
C VAL B 54 5.19 13.88 -20.17
N GLU B 55 4.79 13.82 -21.42
CA GLU B 55 4.98 12.58 -22.15
C GLU B 55 6.42 12.17 -22.34
N ARG B 56 7.27 13.12 -22.66
CA ARG B 56 8.64 12.84 -22.88
C ARG B 56 9.32 12.31 -21.62
N ALA B 57 9.01 12.94 -20.51
CA ALA B 57 9.57 12.59 -19.27
C ALA B 57 9.17 11.19 -18.93
N ILE B 58 7.93 10.85 -19.17
CA ILE B 58 7.45 9.51 -18.83
C ILE B 58 8.02 8.50 -19.81
N ALA B 59 8.01 8.85 -21.07
CA ALA B 59 8.45 7.83 -22.05
C ALA B 59 9.94 7.55 -21.92
N SER B 60 10.72 8.56 -21.59
CA SER B 60 12.13 8.34 -21.40
C SER B 60 12.45 7.46 -20.14
N ALA B 61 11.67 7.65 -19.08
CA ALA B 61 11.84 6.83 -17.84
C ALA B 61 11.42 5.40 -18.13
N LYS B 62 10.38 5.24 -18.87
CA LYS B 62 10.01 3.93 -19.28
C LYS B 62 11.03 3.21 -20.16
N ARG B 63 11.60 3.89 -21.13
CA ARG B 63 12.60 3.26 -21.93
C ARG B 63 13.83 2.88 -21.14
N ALA B 64 14.31 3.78 -20.31
CA ALA B 64 15.50 3.55 -19.52
C ALA B 64 15.40 2.46 -18.49
N GLN B 65 14.23 2.35 -17.89
CA GLN B 65 14.02 1.48 -16.73
C GLN B 65 14.38 -0.01 -16.97
N LYS B 66 14.16 -0.51 -18.20
CA LYS B 66 14.40 -1.96 -18.47
C LYS B 66 15.81 -2.44 -18.20
N GLU B 67 16.78 -1.75 -18.76
CA GLU B 67 18.15 -2.08 -18.60
C GLU B 67 18.54 -1.88 -17.14
N TRP B 68 18.08 -0.79 -16.49
CA TRP B 68 18.43 -0.48 -15.09
C TRP B 68 17.95 -1.63 -14.20
N ALA B 69 16.74 -2.13 -14.47
CA ALA B 69 16.23 -3.27 -13.71
C ALA B 69 17.11 -4.54 -13.81
N ALA B 70 17.70 -4.72 -14.97
CA ALA B 70 18.61 -5.79 -15.28
C ALA B 70 19.92 -5.76 -14.52
N MET B 71 20.36 -4.59 -14.14
CA MET B 71 21.59 -4.50 -13.37
C MET B 71 21.49 -5.03 -11.94
N SER B 72 22.59 -5.50 -11.40
CA SER B 72 22.62 -5.97 -10.02
C SER B 72 22.39 -4.86 -9.01
N PRO B 73 21.86 -5.16 -7.84
CA PRO B 73 21.69 -4.10 -6.78
C PRO B 73 23.03 -3.41 -6.48
N MET B 74 24.09 -4.16 -6.46
CA MET B 74 25.31 -3.51 -6.19
C MET B 74 25.73 -2.49 -7.25
N ALA B 75 25.58 -2.83 -8.51
CA ALA B 75 25.91 -1.94 -9.57
C ALA B 75 25.01 -0.72 -9.52
N ARG B 76 23.74 -0.89 -9.23
CA ARG B 76 22.88 0.27 -9.10
C ARG B 76 23.29 1.16 -7.90
N GLY B 77 23.64 0.52 -6.81
CA GLY B 77 24.05 1.14 -5.59
C GLY B 77 25.28 1.99 -5.71
N ARG B 78 26.24 1.56 -6.51
CA ARG B 78 27.44 2.31 -6.70
C ARG B 78 27.17 3.70 -7.26
N ILE B 79 26.25 3.80 -8.23
CA ILE B 79 25.89 5.08 -8.83
C ILE B 79 25.32 6.03 -7.76
N LEU B 80 24.43 5.48 -6.92
CA LEU B 80 23.84 6.25 -5.87
C LEU B 80 24.87 6.70 -4.86
N LYS B 81 25.81 5.81 -4.51
CA LYS B 81 26.89 6.19 -3.58
C LYS B 81 27.77 7.35 -4.18
N ARG B 82 28.06 7.23 -5.48
CA ARG B 82 28.79 8.30 -6.18
C ARG B 82 27.99 9.59 -6.18
N ALA B 83 26.68 9.52 -6.39
CA ALA B 83 25.85 10.72 -6.32
C ALA B 83 25.93 11.43 -4.95
N ALA B 84 25.84 10.69 -3.85
CA ALA B 84 26.00 11.21 -2.49
C ALA B 84 27.38 11.94 -2.31
N ASP B 85 28.46 11.30 -2.74
CA ASP B 85 29.78 11.89 -2.67
C ASP B 85 29.83 13.24 -3.40
N ILE B 86 29.23 13.32 -4.56
CA ILE B 86 29.18 14.56 -5.29
C ILE B 86 28.36 15.57 -4.52
N MET B 87 27.28 15.16 -3.92
CA MET B 87 26.44 16.07 -3.17
C MET B 87 27.22 16.64 -2.02
N ARG B 88 28.04 15.84 -1.36
CA ARG B 88 28.86 16.33 -0.27
C ARG B 88 29.89 17.36 -0.74
N GLU B 89 30.55 17.11 -1.84
CA GLU B 89 31.52 18.08 -2.40
C GLU B 89 30.86 19.41 -2.65
N ARG B 90 29.63 19.38 -3.18
CA ARG B 90 28.88 20.59 -3.52
C ARG B 90 27.95 21.07 -2.41
N ASN B 91 28.19 20.64 -1.19
CA ASN B 91 27.27 20.98 -0.14
C ASN B 91 27.02 22.48 0.02
N ASP B 92 28.10 23.26 -0.15
CA ASP B 92 28.03 24.72 0.00
C ASP B 92 27.10 25.38 -1.00
N ALA B 93 27.34 25.13 -2.27
CA ALA B 93 26.49 25.55 -3.38
C ALA B 93 25.07 24.97 -3.33
N LEU B 94 24.95 23.68 -3.04
CA LEU B 94 23.62 23.08 -2.92
C LEU B 94 22.81 23.73 -1.81
N SER B 95 23.43 23.92 -0.65
CA SER B 95 22.74 24.50 0.49
C SER B 95 22.40 26.03 0.32
N THR B 96 23.30 26.76 -0.33
CA THR B 96 23.10 28.21 -0.66
C THR B 96 21.86 28.31 -1.53
N LEU B 97 21.83 27.47 -2.57
CA LEU B 97 20.69 27.34 -3.42
C LEU B 97 19.43 26.97 -2.67
N GLU B 98 19.46 26.01 -1.73
CA GLU B 98 18.26 25.71 -0.92
C GLU B 98 17.79 26.94 -0.16
N THR B 99 18.73 27.64 0.47
CA THR B 99 18.42 28.86 1.22
C THR B 99 17.81 29.89 0.30
N LEU B 100 18.34 30.02 -0.90
CA LEU B 100 17.75 30.94 -1.86
C LEU B 100 16.32 30.58 -2.19
N ASP B 101 16.11 29.28 -2.46
CA ASP B 101 14.84 28.77 -2.94
C ASP B 101 13.76 28.64 -1.89
N THR B 102 14.16 28.49 -0.62
CA THR B 102 13.19 28.24 0.45
C THR B 102 13.02 29.42 1.43
N GLY B 103 14.05 30.23 1.59
CA GLY B 103 14.09 31.24 2.63
C GLY B 103 14.66 30.72 3.94
N LYS B 104 15.01 29.44 3.99
CA LYS B 104 15.54 28.87 5.24
C LYS B 104 17.00 29.27 5.46
N PRO B 105 17.40 29.55 6.71
CA PRO B 105 18.75 30.00 7.09
C PRO B 105 19.82 29.02 6.64
N ILE B 106 20.92 29.57 6.11
CA ILE B 106 22.04 28.76 5.66
C ILE B 106 22.62 27.93 6.78
N GLN B 107 22.26 28.20 8.02
CA GLN B 107 22.83 27.43 9.09
C GLN B 107 22.09 26.15 9.36
N GLU B 108 20.81 26.09 9.00
CA GLU B 108 20.05 24.84 9.03
C GLU B 108 20.43 24.06 7.78
N THR B 109 20.33 24.77 6.68
CA THR B 109 20.38 24.29 5.35
C THR B 109 21.68 23.54 5.11
N ILE B 110 22.77 24.11 5.62
CA ILE B 110 24.11 23.58 5.42
C ILE B 110 24.31 22.22 6.10
N VAL B 111 23.48 21.85 7.08
CA VAL B 111 23.60 20.54 7.77
C VAL B 111 22.41 19.62 7.63
N ALA B 112 21.24 20.18 7.34
CA ALA B 112 20.04 19.41 7.47
C ALA B 112 19.34 19.03 6.13
N ASP B 113 19.68 19.69 5.02
CA ASP B 113 18.88 19.55 3.81
C ASP B 113 19.60 18.68 2.77
N PRO B 114 20.48 19.23 1.92
CA PRO B 114 21.13 18.32 1.00
C PRO B 114 21.93 17.22 1.68
N THR B 115 22.50 17.47 2.87
CA THR B 115 23.25 16.44 3.61
C THR B 115 22.35 15.24 3.84
N SER B 116 21.10 15.50 4.26
CA SER B 116 20.18 14.43 4.61
C SER B 116 19.79 13.64 3.33
N GLY B 117 19.78 14.35 2.20
CA GLY B 117 19.42 13.80 0.91
C GLY B 117 20.52 12.90 0.47
N ALA B 118 21.75 13.41 0.61
CA ALA B 118 22.90 12.67 0.23
C ALA B 118 22.97 11.40 1.10
N ASP B 119 22.64 11.53 2.38
CA ASP B 119 22.57 10.38 3.27
C ASP B 119 21.65 9.24 2.74
N ALA B 120 20.51 9.60 2.14
CA ALA B 120 19.63 8.56 1.63
C ALA B 120 20.29 7.83 0.50
N PHE B 121 20.94 8.57 -0.42
CA PHE B 121 21.52 7.93 -1.62
C PHE B 121 22.61 7.01 -1.13
N GLU B 122 23.38 7.48 -0.15
CA GLU B 122 24.46 6.64 0.34
C GLU B 122 23.90 5.40 1.01
N PHE B 123 22.91 5.62 1.89
CA PHE B 123 22.38 4.51 2.69
C PHE B 123 21.78 3.42 1.74
N PHE B 124 20.91 3.81 0.80
CA PHE B 124 20.28 2.80 -0.06
C PHE B 124 21.25 2.14 -1.03
N GLY B 125 22.16 2.93 -1.61
CA GLY B 125 23.27 2.37 -2.40
C GLY B 125 24.04 1.27 -1.70
N GLY B 126 24.37 1.48 -0.42
CA GLY B 126 25.08 0.44 0.33
C GLY B 126 24.30 -0.82 0.72
N ILE B 127 23.04 -0.68 1.17
CA ILE B 127 22.29 -1.85 1.69
C ILE B 127 21.64 -2.71 0.61
N ALA B 128 21.43 -2.16 -0.60
CA ALA B 128 20.68 -2.94 -1.60
C ALA B 128 21.24 -4.34 -1.91
N PRO B 129 22.56 -4.52 -1.89
CA PRO B 129 22.98 -5.92 -2.23
C PRO B 129 22.67 -6.99 -1.21
N SER B 130 22.07 -6.59 -0.11
CA SER B 130 21.52 -7.50 0.86
C SER B 130 20.00 -7.34 1.03
N ALA B 131 19.59 -6.11 1.22
CA ALA B 131 18.21 -5.73 1.49
C ALA B 131 17.24 -6.10 0.39
N LEU B 132 17.70 -6.08 -0.83
CA LEU B 132 16.87 -6.49 -1.94
C LEU B 132 16.68 -8.00 -2.17
N ASN B 133 17.33 -8.84 -1.39
CA ASN B 133 17.15 -10.32 -1.48
C ASN B 133 15.71 -10.74 -1.25
N GLY B 134 15.24 -11.71 -2.06
CA GLY B 134 14.01 -12.35 -1.75
C GLY B 134 14.25 -13.61 -0.92
N ASP B 135 13.26 -14.52 -0.92
CA ASP B 135 13.27 -15.75 -0.17
C ASP B 135 13.44 -17.00 -1.02
N TYR B 136 14.12 -17.97 -0.42
CA TYR B 136 13.96 -19.37 -0.86
C TYR B 136 13.07 -20.04 0.17
N ILE B 137 12.01 -20.66 -0.29
CA ILE B 137 11.05 -21.21 0.62
C ILE B 137 10.97 -22.73 0.39
N PRO B 138 11.48 -23.53 1.33
CA PRO B 138 11.42 -25.02 1.13
C PRO B 138 9.99 -25.55 1.30
N LEU B 139 9.54 -26.50 0.47
CA LEU B 139 8.18 -26.96 0.60
C LEU B 139 8.10 -28.48 0.72
N GLY B 140 9.20 -29.11 1.11
CA GLY B 140 9.28 -30.54 1.29
C GLY B 140 9.47 -31.24 -0.03
N GLY B 141 10.37 -30.80 -0.88
CA GLY B 141 10.36 -31.51 -2.17
C GLY B 141 10.12 -30.60 -3.36
N ASP B 142 9.01 -29.90 -3.44
CA ASP B 142 9.09 -28.69 -4.28
C ASP B 142 9.74 -27.55 -3.44
N PHE B 143 9.91 -26.39 -4.06
CA PHE B 143 10.29 -25.12 -3.41
C PHE B 143 9.72 -23.94 -4.24
N ALA B 144 9.67 -22.76 -3.60
CA ALA B 144 9.47 -21.51 -4.26
C ALA B 144 10.63 -20.49 -3.99
N TYR B 145 10.80 -19.52 -4.89
CA TYR B 145 11.66 -18.42 -4.54
C TYR B 145 10.88 -17.16 -4.84
N THR B 146 11.18 -16.10 -4.12
CA THR B 146 10.55 -14.82 -4.39
C THR B 146 11.64 -13.85 -4.84
N LYS B 147 11.28 -12.91 -5.67
CA LYS B 147 12.23 -11.94 -6.20
C LYS B 147 11.60 -10.55 -5.94
N ARG B 148 12.39 -9.59 -5.52
CA ARG B 148 11.81 -8.23 -5.31
C ARG B 148 12.01 -7.44 -6.59
N VAL B 149 10.96 -7.32 -7.36
CA VAL B 149 11.02 -6.70 -8.66
C VAL B 149 10.55 -5.27 -8.56
N PRO B 150 11.16 -4.38 -9.35
CA PRO B 150 10.73 -2.99 -9.41
C PRO B 150 9.32 -2.89 -9.94
N LEU B 151 8.61 -1.82 -9.57
CA LEU B 151 7.29 -1.53 -10.13
C LEU B 151 7.30 -0.97 -11.56
N GLY B 152 8.30 -0.19 -11.97
CA GLY B 152 8.28 0.43 -13.26
C GLY B 152 8.66 1.89 -13.18
N VAL B 153 7.75 2.78 -13.59
CA VAL B 153 7.99 4.19 -13.60
C VAL B 153 7.23 4.71 -12.39
N CYS B 154 7.93 5.42 -11.49
CA CYS B 154 7.37 5.97 -10.29
C CYS B 154 7.24 7.48 -10.48
N VAL B 155 6.20 8.10 -9.92
CA VAL B 155 6.15 9.54 -9.92
C VAL B 155 6.34 10.05 -8.51
N GLY B 156 7.27 11.00 -8.32
CA GLY B 156 7.46 11.69 -7.06
C GLY B 156 6.90 13.12 -7.12
N ILE B 157 6.10 13.49 -6.13
CA ILE B 157 5.54 14.85 -5.98
C ILE B 157 6.11 15.52 -4.74
N GLY B 158 6.84 16.59 -4.94
CA GLY B 158 7.60 17.26 -3.89
C GLY B 158 6.74 18.27 -3.11
N ALA B 159 7.25 18.66 -1.93
CA ALA B 159 6.69 19.80 -1.21
C ALA B 159 7.82 20.80 -0.98
N TRP B 160 7.45 21.94 -0.39
CA TRP B 160 8.34 23.08 -0.33
C TRP B 160 9.25 23.11 0.89
N ASN B 161 8.99 22.31 1.90
CA ASN B 161 9.90 22.25 3.05
C ASN B 161 10.99 21.23 2.75
N TYR B 162 12.25 21.58 2.93
CA TYR B 162 13.34 20.64 2.59
C TYR B 162 13.15 19.90 1.22
N PRO B 163 13.17 20.70 0.12
CA PRO B 163 12.90 20.24 -1.25
C PRO B 163 13.92 19.21 -1.72
N GLN B 164 15.20 19.43 -1.44
CA GLN B 164 16.25 18.53 -1.85
C GLN B 164 16.20 17.24 -1.08
N GLN B 165 15.98 17.33 0.22
CA GLN B 165 15.84 16.12 0.99
C GLN B 165 14.67 15.24 0.51
N ILE B 166 13.48 15.82 0.32
CA ILE B 166 12.33 15.09 -0.26
C ILE B 166 12.65 14.40 -1.61
N ALA B 167 13.30 15.12 -2.50
CA ALA B 167 13.65 14.57 -3.80
C ALA B 167 14.54 13.29 -3.63
N CYS B 168 15.56 13.42 -2.80
CA CYS B 168 16.49 12.33 -2.54
C CYS B 168 15.84 11.19 -1.79
N TRP B 169 14.99 11.51 -0.82
CA TRP B 169 14.40 10.46 0.01
C TRP B 169 13.42 9.61 -0.85
N LYS B 170 12.86 10.20 -1.92
CA LYS B 170 12.06 9.40 -2.89
C LYS B 170 12.97 8.74 -3.92
N ALA B 171 13.94 9.48 -4.47
CA ALA B 171 14.69 8.91 -5.60
C ALA B 171 15.55 7.76 -5.14
N ALA B 172 16.12 7.84 -3.95
CA ALA B 172 17.08 6.81 -3.53
C ALA B 172 16.50 5.37 -3.52
N PRO B 173 15.46 5.13 -2.70
CA PRO B 173 14.88 3.79 -2.69
C PRO B 173 14.23 3.44 -4.08
N ALA B 174 13.68 4.43 -4.78
CA ALA B 174 13.04 4.07 -6.04
C ALA B 174 14.03 3.56 -7.06
N LEU B 175 15.13 4.26 -7.21
CA LEU B 175 16.21 3.92 -8.10
C LEU B 175 16.99 2.64 -7.74
N VAL B 176 17.30 2.47 -6.48
CA VAL B 176 18.05 1.33 -6.06
C VAL B 176 17.30 0.06 -6.33
N ALA B 177 15.98 0.13 -6.18
CA ALA B 177 15.08 -0.97 -6.43
C ALA B 177 14.89 -1.29 -7.89
N GLY B 178 15.40 -0.47 -8.79
CA GLY B 178 15.38 -0.79 -10.22
C GLY B 178 14.27 -0.06 -10.98
N ASN B 179 13.62 0.92 -10.33
CA ASN B 179 12.63 1.76 -11.02
C ASN B 179 13.28 2.95 -11.71
N ALA B 180 12.49 3.71 -12.46
CA ALA B 180 12.82 5.08 -12.90
C ALA B 180 11.82 6.02 -12.20
N MET B 181 12.15 7.31 -12.10
CA MET B 181 11.29 8.28 -11.43
C MET B 181 11.16 9.57 -12.27
N VAL B 182 9.92 10.06 -12.44
CA VAL B 182 9.69 11.47 -12.81
C VAL B 182 9.30 12.23 -11.53
N PHE B 183 10.11 13.21 -11.17
CA PHE B 183 9.90 13.91 -9.92
C PHE B 183 9.43 15.36 -10.29
N LYS B 184 8.39 15.81 -9.62
CA LYS B 184 7.79 17.16 -9.82
C LYS B 184 7.93 17.90 -8.49
N PRO B 185 8.87 18.86 -8.42
CA PRO B 185 9.00 19.62 -7.22
C PRO B 185 7.80 20.56 -7.09
N SER B 186 7.62 21.06 -5.86
CA SER B 186 6.66 22.11 -5.63
C SER B 186 7.07 23.36 -6.41
N GLU B 187 6.04 24.03 -6.93
CA GLU B 187 6.13 25.32 -7.66
C GLU B 187 6.94 26.27 -6.80
N ASN B 188 6.77 26.16 -5.50
CA ASN B 188 7.46 27.06 -4.60
C ASN B 188 8.95 26.91 -4.53
N THR B 189 9.45 25.73 -4.89
CA THR B 189 10.83 25.40 -4.65
C THR B 189 11.33 24.53 -5.77
N PRO B 190 11.42 25.12 -6.97
CA PRO B 190 11.76 24.36 -8.17
C PRO B 190 13.22 24.06 -8.39
N LEU B 191 14.14 24.64 -7.66
CA LEU B 191 15.52 24.64 -8.23
C LEU B 191 16.43 23.49 -7.80
N GLY B 192 16.33 23.06 -6.57
CA GLY B 192 17.25 22.09 -6.05
C GLY B 192 17.07 20.73 -6.76
N ALA B 193 15.83 20.37 -7.12
CA ALA B 193 15.55 19.04 -7.71
C ALA B 193 16.31 18.93 -9.02
N LEU B 194 16.42 20.03 -9.77
CA LEU B 194 17.19 20.01 -11.01
C LEU B 194 18.65 19.71 -10.79
N LYS B 195 19.23 20.20 -9.70
CA LYS B 195 20.63 19.90 -9.42
C LYS B 195 20.79 18.43 -9.02
N ILE B 196 19.87 17.93 -8.19
CA ILE B 196 19.87 16.46 -7.92
C ILE B 196 19.94 15.67 -9.28
N ALA B 197 19.16 16.09 -10.26
CA ALA B 197 19.04 15.30 -11.50
C ALA B 197 20.35 15.33 -12.29
N GLU B 198 20.98 16.51 -12.33
CA GLU B 198 22.25 16.74 -13.03
C GLU B 198 23.34 15.95 -12.33
N ILE B 199 23.29 15.99 -11.03
CA ILE B 199 24.31 15.27 -10.29
C ILE B 199 24.22 13.76 -10.51
N LEU B 200 23.01 13.24 -10.61
CA LEU B 200 22.88 11.75 -10.79
C LEU B 200 23.49 11.36 -12.10
N ILE B 201 23.26 12.15 -13.15
CA ILE B 201 23.89 11.93 -14.44
C ILE B 201 25.42 11.94 -14.28
N GLU B 202 25.95 12.92 -13.53
CA GLU B 202 27.40 13.01 -13.35
C GLU B 202 27.94 11.78 -12.65
N ALA B 203 27.09 11.18 -11.83
CA ALA B 203 27.45 9.98 -11.05
C ALA B 203 27.40 8.69 -11.88
N GLY B 204 26.89 8.78 -13.13
CA GLY B 204 26.77 7.63 -14.05
C GLY B 204 25.38 7.01 -14.10
N LEU B 205 24.39 7.71 -13.57
CA LEU B 205 22.99 7.22 -13.73
C LEU B 205 22.58 7.31 -15.23
N PRO B 206 22.06 6.22 -15.82
CA PRO B 206 21.71 6.29 -17.24
C PRO B 206 20.68 7.39 -17.46
N LYS B 207 20.70 7.95 -18.66
CA LYS B 207 19.81 9.03 -18.92
C LYS B 207 18.38 8.51 -18.98
N GLY B 208 17.48 9.34 -18.48
CA GLY B 208 16.06 9.07 -18.50
C GLY B 208 15.59 8.50 -17.16
N LEU B 209 16.51 7.99 -16.33
CA LEU B 209 16.07 7.27 -15.11
C LEU B 209 15.52 8.20 -14.03
N PHE B 210 16.07 9.40 -13.99
CA PHE B 210 15.54 10.36 -13.01
C PHE B 210 15.27 11.70 -13.69
N ASN B 211 14.01 11.97 -13.96
CA ASN B 211 13.68 13.19 -14.72
C ASN B 211 12.96 14.17 -13.83
N VAL B 212 13.17 15.45 -14.01
CA VAL B 212 12.56 16.42 -13.10
C VAL B 212 11.77 17.39 -13.99
N ILE B 213 10.47 17.54 -13.71
CA ILE B 213 9.67 18.50 -14.53
C ILE B 213 8.95 19.44 -13.56
N GLN B 214 8.87 20.72 -13.93
CA GLN B 214 8.12 21.68 -13.13
C GLN B 214 6.62 21.54 -13.32
N GLY B 215 5.86 22.01 -12.37
CA GLY B 215 4.44 21.88 -12.48
C GLY B 215 3.54 23.03 -12.16
N ASP B 216 2.33 22.97 -12.68
CA ASP B 216 1.25 23.89 -12.37
C ASP B 216 0.08 23.05 -11.85
N ARG B 217 -1.12 23.62 -11.76
CA ARG B 217 -2.28 22.93 -11.23
C ARG B 217 -2.55 21.66 -12.00
N ASP B 218 -2.30 21.69 -13.28
CA ASP B 218 -2.56 20.53 -14.17
C ASP B 218 -1.48 19.41 -14.26
N THR B 219 -0.25 19.69 -13.83
CA THR B 219 0.82 18.71 -13.97
C THR B 219 0.58 17.43 -13.14
N GLY B 220 0.34 17.58 -11.84
CA GLY B 220 0.04 16.43 -10.97
C GLY B 220 -0.90 15.45 -11.62
N PRO B 221 -2.10 15.89 -12.01
CA PRO B 221 -3.11 15.03 -12.65
C PRO B 221 -2.63 14.35 -13.92
N LEU B 222 -1.90 15.06 -14.77
CA LEU B 222 -1.36 14.38 -15.92
C LEU B 222 -0.42 13.22 -15.47
N LEU B 223 0.43 13.47 -14.48
CA LEU B 223 1.38 12.43 -14.02
C LEU B 223 0.68 11.22 -13.42
N VAL B 224 -0.22 11.52 -12.50
CA VAL B 224 -0.76 10.57 -11.55
C VAL B 224 -1.78 9.71 -12.30
N ASN B 225 -2.28 10.22 -13.44
CA ASN B 225 -3.25 9.45 -14.25
C ASN B 225 -2.64 8.73 -15.43
N HIS B 226 -1.36 8.91 -15.65
CA HIS B 226 -0.79 8.43 -16.89
C HIS B 226 -0.74 6.94 -16.86
N PRO B 227 -1.04 6.29 -17.99
CA PRO B 227 -1.08 4.83 -17.99
C PRO B 227 0.26 4.13 -17.75
N ASP B 228 1.38 4.80 -18.02
CA ASP B 228 2.67 4.15 -17.86
C ASP B 228 3.27 4.35 -16.49
N VAL B 229 2.60 5.08 -15.61
CA VAL B 229 3.11 5.25 -14.23
C VAL B 229 2.60 4.15 -13.29
N ALA B 230 3.50 3.46 -12.60
CA ALA B 230 3.10 2.32 -11.73
C ALA B 230 2.85 2.74 -10.28
N LYS B 231 3.42 3.88 -9.87
CA LYS B 231 3.37 4.21 -8.48
C LYS B 231 3.55 5.71 -8.31
N VAL B 232 2.92 6.26 -7.26
CA VAL B 232 2.98 7.68 -6.94
C VAL B 232 3.42 7.81 -5.48
N SER B 233 4.38 8.69 -5.23
CA SER B 233 4.81 9.00 -3.86
C SER B 233 4.65 10.50 -3.72
N LEU B 234 3.86 10.90 -2.75
CA LEU B 234 3.58 12.32 -2.49
C LEU B 234 4.00 12.80 -1.08
N THR B 235 4.66 13.96 -1.03
CA THR B 235 4.81 14.71 0.20
C THR B 235 3.96 15.97 0.05
N GLY B 236 3.01 16.21 0.95
CA GLY B 236 2.07 17.33 0.71
C GLY B 236 1.10 17.60 1.82
N SER B 237 -0.03 18.20 1.47
CA SER B 237 -1.07 18.40 2.46
C SER B 237 -2.17 17.39 2.19
N VAL B 238 -3.06 17.24 3.18
CA VAL B 238 -4.20 16.31 3.16
C VAL B 238 -5.20 16.52 2.01
N PRO B 239 -5.58 17.80 1.73
CA PRO B 239 -6.47 17.97 0.57
C PRO B 239 -5.91 17.41 -0.76
N THR B 240 -4.68 17.78 -1.10
CA THR B 240 -3.97 17.28 -2.30
C THR B 240 -3.81 15.75 -2.25
N GLY B 241 -3.35 15.26 -1.09
CA GLY B 241 -3.12 13.84 -0.79
C GLY B 241 -4.33 12.99 -1.05
N ARG B 242 -5.49 13.47 -0.58
CA ARG B 242 -6.76 12.83 -0.82
C ARG B 242 -7.11 12.74 -2.29
N LYS B 243 -6.84 13.79 -3.07
CA LYS B 243 -7.21 13.74 -4.49
C LYS B 243 -6.24 12.88 -5.30
N VAL B 244 -4.95 13.02 -4.98
CA VAL B 244 -3.95 12.24 -5.68
C VAL B 244 -4.17 10.77 -5.31
N ALA B 245 -4.34 10.46 -4.03
CA ALA B 245 -4.53 9.05 -3.66
C ALA B 245 -5.69 8.39 -4.42
N ALA B 246 -6.82 9.11 -4.55
CA ALA B 246 -8.03 8.52 -5.12
C ALA B 246 -7.84 8.30 -6.61
N ALA B 247 -7.20 9.27 -7.26
CA ALA B 247 -6.92 9.18 -8.67
C ALA B 247 -5.96 8.02 -8.97
N ALA B 248 -4.80 8.02 -8.31
CA ALA B 248 -3.83 6.93 -8.45
C ALA B 248 -4.44 5.56 -8.19
N ALA B 249 -5.24 5.48 -7.13
CA ALA B 249 -5.73 4.17 -6.67
C ALA B 249 -6.83 3.71 -7.61
N GLY B 250 -7.67 4.64 -8.07
CA GLY B 250 -8.65 4.38 -9.16
C GLY B 250 -8.09 3.79 -10.45
N HIS B 251 -6.83 4.14 -10.77
CA HIS B 251 -6.12 3.49 -11.86
C HIS B 251 -5.31 2.27 -11.38
N LEU B 252 -5.49 1.87 -10.15
CA LEU B 252 -4.85 0.65 -9.57
C LEU B 252 -3.33 0.81 -9.41
N LYS B 253 -2.88 2.04 -9.28
CA LYS B 253 -1.46 2.33 -9.05
C LYS B 253 -1.15 2.21 -7.59
N HIS B 254 0.12 1.96 -7.26
CA HIS B 254 0.58 1.92 -5.85
C HIS B 254 0.75 3.36 -5.44
N VAL B 255 0.57 3.60 -4.15
CA VAL B 255 0.52 4.94 -3.66
C VAL B 255 1.18 5.01 -2.32
N THR B 256 1.97 6.04 -2.09
CA THR B 256 2.41 6.25 -0.75
C THR B 256 2.42 7.73 -0.50
N MET B 257 2.19 8.16 0.74
CA MET B 257 2.15 9.61 1.04
C MET B 257 2.41 10.00 2.47
N GLU B 258 2.94 11.20 2.62
CA GLU B 258 3.22 11.79 3.92
C GLU B 258 2.59 13.21 3.94
N LEU B 259 1.59 13.39 4.79
CA LEU B 259 0.67 14.51 4.64
C LEU B 259 0.75 15.50 5.81
N GLY B 260 1.71 15.27 6.69
CA GLY B 260 1.98 16.20 7.77
C GLY B 260 0.98 16.09 8.89
N GLY B 261 0.75 17.25 9.49
CA GLY B 261 -0.12 17.37 10.66
C GLY B 261 0.69 17.74 11.88
N LYS B 262 0.17 18.66 12.69
CA LYS B 262 0.70 19.01 14.04
C LYS B 262 0.75 17.77 14.97
N SER B 263 1.92 17.47 15.52
CA SER B 263 2.20 16.30 16.38
C SER B 263 2.26 16.70 17.87
N PRO B 264 1.95 15.78 18.80
CA PRO B 264 2.09 16.23 20.21
C PRO B 264 3.49 16.05 20.84
N MET B 265 3.93 17.01 21.65
CA MET B 265 5.16 16.86 22.45
C MET B 265 4.79 16.99 23.94
N ILE B 266 4.96 15.89 24.68
CA ILE B 266 4.53 15.78 26.05
C ILE B 266 5.74 15.84 27.00
N VAL B 267 5.80 16.94 27.75
CA VAL B 267 6.79 17.25 28.79
C VAL B 267 6.23 16.99 30.20
N PHE B 268 6.69 15.92 30.83
CA PHE B 268 6.23 15.57 32.18
C PHE B 268 7.05 16.27 33.28
N ASP B 269 6.63 16.09 34.56
CA ASP B 269 7.29 16.67 35.78
C ASP B 269 8.78 16.38 35.89
N ASP B 270 9.12 15.10 35.78
CA ASP B 270 10.49 14.65 35.95
C ASP B 270 11.40 14.85 34.73
N ALA B 271 11.06 15.76 33.83
CA ALA B 271 11.87 15.94 32.62
C ALA B 271 13.06 16.89 32.76
N ASP B 272 14.04 16.73 31.87
CA ASP B 272 15.09 17.71 31.68
C ASP B 272 14.51 18.87 30.88
N ILE B 273 14.35 19.99 31.57
CA ILE B 273 13.64 21.14 31.03
C ILE B 273 14.43 21.75 29.87
N GLU B 274 15.74 21.89 30.02
CA GLU B 274 16.51 22.48 28.94
C GLU B 274 16.39 21.64 27.67
N SER B 275 16.43 20.32 27.83
CA SER B 275 16.29 19.41 26.68
C SER B 275 14.89 19.60 26.02
N ALA B 276 13.85 19.58 26.85
CA ALA B 276 12.47 19.68 26.40
C ALA B 276 12.20 21.00 25.71
N VAL B 277 12.72 22.06 26.32
CA VAL B 277 12.57 23.39 25.76
C VAL B 277 13.18 23.42 24.39
N GLY B 278 14.39 22.89 24.30
CA GLY B 278 15.13 22.87 23.00
C GLY B 278 14.35 22.09 21.94
N GLY B 279 13.77 20.96 22.34
CA GLY B 279 12.94 20.12 21.47
C GLY B 279 11.70 20.85 20.99
N ALA B 280 11.03 21.57 21.89
CA ALA B 280 9.92 22.43 21.52
C ALA B 280 10.30 23.58 20.58
N MET B 281 11.52 24.06 20.75
CA MET B 281 11.98 25.14 19.89
C MET B 281 12.28 24.58 18.50
N LEU B 282 12.99 23.45 18.45
CA LEU B 282 13.26 22.75 17.18
C LEU B 282 11.96 22.33 16.53
N GLY B 283 10.87 22.28 17.31
CA GLY B 283 9.56 21.86 16.81
C GLY B 283 8.63 22.96 16.30
N ASN B 284 8.96 24.23 16.56
CA ASN B 284 8.05 25.33 16.24
C ASN B 284 8.74 26.56 15.63
N PHE B 285 10.05 26.69 15.84
CA PHE B 285 10.80 27.89 15.42
C PHE B 285 11.84 27.63 14.30
N TYR B 286 13.07 27.22 14.62
CA TYR B 286 13.94 26.74 13.53
C TYR B 286 13.43 25.38 13.11
N SER B 287 12.12 25.36 12.93
CA SER B 287 11.33 24.20 12.54
C SER B 287 10.88 24.42 11.11
N SER B 288 11.54 23.67 10.24
CA SER B 288 11.33 23.66 8.80
C SER B 288 11.26 22.18 8.30
N GLY B 289 11.04 21.27 9.26
CA GLY B 289 11.10 19.82 8.98
C GLY B 289 9.87 19.31 8.24
N GLN B 290 9.98 18.13 7.63
CA GLN B 290 8.80 17.41 7.17
C GLN B 290 7.91 17.25 8.39
N VAL B 291 8.56 16.91 9.50
CA VAL B 291 7.87 16.75 10.77
C VAL B 291 7.45 18.12 11.28
N CYS B 292 8.33 19.09 11.15
CA CYS B 292 8.21 20.34 11.91
C CYS B 292 7.60 21.58 11.23
N SER B 293 7.39 21.53 9.92
CA SER B 293 6.91 22.70 9.14
C SER B 293 5.48 23.21 9.49
N ASN B 294 4.71 22.38 10.22
CA ASN B 294 3.33 22.75 10.63
C ASN B 294 3.14 23.13 12.12
N GLY B 295 4.20 23.02 12.93
CA GLY B 295 4.14 23.23 14.39
C GLY B 295 3.98 21.96 15.21
N THR B 296 3.97 22.09 16.55
CA THR B 296 3.64 20.95 17.45
C THR B 296 2.89 21.45 18.67
N ARG B 297 1.96 20.66 19.19
CA ARG B 297 1.25 21.07 20.35
C ARG B 297 2.08 20.61 21.53
N VAL B 298 2.66 21.55 22.28
CA VAL B 298 3.43 21.19 23.51
C VAL B 298 2.55 21.09 24.72
N PHE B 299 2.44 19.90 25.29
CA PHE B 299 1.80 19.72 26.55
C PHE B 299 2.85 19.67 27.71
N VAL B 300 2.67 20.51 28.73
CA VAL B 300 3.55 20.54 29.92
C VAL B 300 2.78 20.18 31.19
N GLN B 301 3.30 19.26 31.98
CA GLN B 301 2.69 18.87 33.25
C GLN B 301 2.81 20.04 34.25
N LYS B 302 1.87 20.04 35.21
CA LYS B 302 1.69 21.14 36.19
C LYS B 302 2.99 21.76 36.72
N LYS B 303 3.81 20.95 37.38
CA LYS B 303 5.07 21.38 38.01
C LYS B 303 6.12 21.99 37.11
N ALA B 304 6.04 21.67 35.84
CA ALA B 304 7.18 21.92 34.97
C ALA B 304 6.95 23.18 34.20
N LYS B 305 5.69 23.61 34.22
CA LYS B 305 5.24 24.76 33.45
C LYS B 305 6.16 25.92 33.66
N ALA B 306 6.35 26.28 34.94
CA ALA B 306 7.04 27.51 35.33
C ALA B 306 8.52 27.50 34.89
N ARG B 307 9.26 26.50 35.37
CA ARG B 307 10.60 26.23 34.84
C ARG B 307 10.61 26.26 33.28
N PHE B 308 9.74 25.46 32.66
CA PHE B 308 9.69 25.38 31.18
C PHE B 308 9.48 26.76 30.49
N LEU B 309 8.47 27.51 30.95
CA LEU B 309 8.20 28.81 30.35
C LEU B 309 9.33 29.80 30.48
N GLU B 310 9.92 29.86 31.68
CA GLU B 310 11.05 30.77 31.96
C GLU B 310 12.21 30.47 31.01
N ASN B 311 12.62 29.21 31.00
CA ASN B 311 13.75 28.79 30.18
C ASN B 311 13.40 29.07 28.75
N LEU B 312 12.16 28.78 28.38
CA LEU B 312 11.78 28.97 26.99
C LEU B 312 11.85 30.44 26.57
N LYS B 313 11.24 31.29 27.41
CA LYS B 313 11.15 32.72 27.12
C LYS B 313 12.54 33.35 26.98
N ARG B 314 13.46 32.98 27.85
CA ARG B 314 14.76 33.53 27.66
C ARG B 314 15.45 33.07 26.39
N ARG B 315 15.40 31.79 26.11
CA ARG B 315 16.08 31.25 24.97
C ARG B 315 15.53 31.81 23.69
N THR B 316 14.23 31.93 23.66
CA THR B 316 13.52 32.41 22.53
C THR B 316 13.84 33.84 22.15
N GLU B 317 13.93 34.71 23.12
CA GLU B 317 14.25 36.08 22.83
C GLU B 317 15.67 36.25 22.37
N ALA B 318 16.48 35.26 22.64
CA ALA B 318 17.88 35.32 22.22
C ALA B 318 18.07 34.98 20.74
N MET B 319 17.07 34.31 20.12
CA MET B 319 17.13 33.94 18.69
C MET B 319 17.40 35.14 17.83
N ILE B 320 18.22 34.97 16.79
CA ILE B 320 18.59 36.07 15.93
C ILE B 320 17.81 35.96 14.63
N LEU B 321 17.05 36.99 14.31
CA LEU B 321 16.27 37.05 13.08
C LEU B 321 16.98 37.90 12.04
N GLY B 322 16.78 37.58 10.78
CA GLY B 322 17.45 38.32 9.71
C GLY B 322 17.63 37.57 8.41
N ASP B 323 18.42 38.19 7.54
CA ASP B 323 18.85 37.64 6.25
C ASP B 323 19.29 36.15 6.40
N PRO B 324 18.52 35.20 5.79
CA PRO B 324 18.82 33.77 5.93
C PRO B 324 20.18 33.37 5.37
N LEU B 325 20.72 34.16 4.45
CA LEU B 325 22.02 33.89 3.85
C LEU B 325 23.19 34.19 4.79
N ASP B 326 22.87 34.71 5.96
CA ASP B 326 23.87 35.01 6.94
C ASP B 326 23.92 33.92 7.99
N TYR B 327 25.15 33.54 8.28
CA TYR B 327 25.45 32.41 9.12
C TYR B 327 25.07 32.60 10.58
N ALA B 328 24.91 33.86 10.99
CA ALA B 328 24.43 34.23 12.34
C ALA B 328 22.91 34.03 12.53
N THR B 329 22.15 34.17 11.44
CA THR B 329 20.69 34.11 11.48
C THR B 329 20.19 32.79 12.08
N HIS B 330 19.29 32.86 13.05
CA HIS B 330 18.62 31.66 13.52
C HIS B 330 17.31 31.47 12.77
N LEU B 331 16.78 32.54 12.20
CA LEU B 331 15.39 32.59 11.76
C LEU B 331 15.17 33.58 10.63
N GLY B 332 14.73 33.06 9.50
CA GLY B 332 14.49 33.88 8.31
C GLY B 332 13.13 34.56 8.36
N PRO B 333 12.92 35.60 7.52
CA PRO B 333 11.58 36.20 7.37
C PRO B 333 10.56 35.22 6.81
N LEU B 334 9.30 35.64 6.76
CA LEU B 334 8.23 34.83 6.19
C LEU B 334 8.13 35.03 4.68
N VAL B 335 7.63 34.01 3.96
CA VAL B 335 7.62 33.98 2.47
C VAL B 335 7.00 35.21 1.75
N SER B 336 5.72 35.49 2.02
CA SER B 336 5.04 36.71 1.53
C SER B 336 4.80 37.72 2.68
N LYS B 337 4.40 38.95 2.35
CA LYS B 337 3.88 39.85 3.38
C LYS B 337 2.48 39.36 3.78
N ALA B 338 1.87 38.57 2.90
CA ALA B 338 0.56 37.95 3.16
C ALA B 338 0.62 36.87 4.27
N GLN B 339 1.78 36.22 4.38
CA GLN B 339 2.07 35.31 5.48
C GLN B 339 2.12 36.06 6.79
N GLN B 340 2.82 37.20 6.77
CA GLN B 340 2.95 38.10 7.91
C GLN B 340 1.57 38.50 8.49
N GLU B 341 0.68 38.98 7.60
CA GLU B 341 -0.61 39.59 7.98
C GLU B 341 -1.55 38.56 8.58
N LYS B 342 -1.50 37.35 8.01
CA LYS B 342 -2.33 36.20 8.35
C LYS B 342 -2.00 35.59 9.73
N VAL B 343 -0.73 35.73 10.11
CA VAL B 343 -0.18 35.12 11.32
C VAL B 343 -0.29 36.05 12.53
N LEU B 344 -0.09 37.37 12.33
CA LEU B 344 -0.31 38.39 13.38
C LEU B 344 -1.81 38.52 13.77
N SER B 345 -2.70 38.04 12.89
CA SER B 345 -4.14 37.88 13.15
C SER B 345 -4.39 36.64 13.98
N TYR B 346 -3.69 35.57 13.65
CA TYR B 346 -3.62 34.41 14.49
C TYR B 346 -3.15 34.83 15.90
N ILE B 347 -2.10 35.66 15.98
CA ILE B 347 -1.61 36.26 17.24
C ILE B 347 -2.70 37.04 18.03
N GLU B 348 -3.39 37.95 17.35
CA GLU B 348 -4.44 38.75 17.96
C GLU B 348 -5.68 37.89 18.29
N LYS B 349 -6.01 36.96 17.37
CA LYS B 349 -7.05 35.96 17.61
C LYS B 349 -6.85 35.27 18.95
N GLY B 350 -5.63 34.75 19.16
CA GLY B 350 -5.28 34.00 20.35
C GLY B 350 -5.38 34.85 21.59
N LYS B 351 -4.70 36.01 21.58
CA LYS B 351 -4.71 36.97 22.69
C LYS B 351 -6.11 37.18 23.25
N ALA B 352 -7.01 37.55 22.36
CA ALA B 352 -8.41 37.84 22.66
C ALA B 352 -9.11 36.64 23.20
N GLU B 353 -8.66 35.46 22.83
CA GLU B 353 -9.27 34.22 23.28
C GLU B 353 -8.98 33.94 24.74
N GLY B 354 -8.03 34.68 25.31
CA GLY B 354 -7.62 34.53 26.70
C GLY B 354 -6.26 33.87 26.89
N ALA B 355 -5.72 33.35 25.81
CA ALA B 355 -4.35 32.80 25.70
C ALA B 355 -3.29 33.86 26.08
N THR B 356 -2.45 33.55 27.08
CA THR B 356 -1.45 34.50 27.57
C THR B 356 -0.25 34.54 26.65
N LEU B 357 0.13 35.74 26.24
CA LEU B 357 1.34 35.95 25.46
C LEU B 357 2.48 35.90 26.44
N ILE B 358 3.51 35.11 26.10
CA ILE B 358 4.70 34.93 26.96
C ILE B 358 5.86 35.73 26.38
N THR B 359 5.99 35.68 25.06
CA THR B 359 6.94 36.51 24.37
C THR B 359 6.46 36.55 22.96
N GLY B 360 7.05 37.47 22.18
CA GLY B 360 6.72 37.67 20.77
C GLY B 360 5.48 38.53 20.60
N GLY B 361 4.75 38.32 19.52
CA GLY B 361 3.49 39.03 19.28
C GLY B 361 3.52 40.15 18.24
N GLY B 362 4.72 40.71 17.98
CA GLY B 362 4.85 41.78 16.98
C GLY B 362 5.88 41.56 15.87
N ILE B 363 5.99 42.56 14.97
CA ILE B 363 7.03 42.63 13.94
C ILE B 363 8.24 43.25 14.61
N PRO B 364 9.43 42.73 14.30
CA PRO B 364 10.66 43.19 14.97
C PRO B 364 11.32 44.42 14.34
N ASN B 365 12.03 45.20 15.17
CA ASN B 365 12.85 46.28 14.59
C ASN B 365 14.32 46.36 15.03
N ASN B 366 15.20 46.57 14.07
CA ASN B 366 14.86 46.52 12.68
C ASN B 366 15.51 45.22 12.33
N VAL B 367 14.73 44.20 12.07
CA VAL B 367 15.33 42.96 11.67
C VAL B 367 15.28 43.05 10.18
N ALA B 368 14.68 44.15 9.77
CA ALA B 368 14.47 44.53 8.42
C ALA B 368 15.82 45.00 7.93
N GLY B 369 15.98 45.23 6.63
CA GLY B 369 15.00 44.93 5.57
C GLY B 369 15.80 44.15 4.54
N GLU B 370 15.16 43.51 3.56
CA GLU B 370 13.78 43.78 3.14
C GLU B 370 12.67 42.93 3.82
N GLY B 371 13.05 41.82 4.46
CA GLY B 371 12.08 40.77 4.84
C GLY B 371 10.79 41.17 5.56
N ALA B 372 9.77 40.32 5.42
CA ALA B 372 8.54 40.45 6.20
C ALA B 372 8.63 39.53 7.42
N TYR B 373 8.79 40.15 8.61
CA TYR B 373 9.13 39.42 9.86
C TYR B 373 8.07 39.44 10.98
N VAL B 374 7.87 38.29 11.61
CA VAL B 374 7.17 38.24 12.89
C VAL B 374 8.06 37.57 13.95
N GLN B 375 8.15 38.22 15.11
CA GLN B 375 8.87 37.65 16.23
C GLN B 375 8.37 36.23 16.53
N PRO B 376 9.28 35.31 16.90
CA PRO B 376 8.82 34.02 17.42
C PRO B 376 8.10 34.21 18.77
N THR B 377 6.90 33.65 18.84
CA THR B 377 5.96 33.98 19.90
C THR B 377 5.43 32.73 20.61
N VAL B 378 5.14 32.89 21.89
CA VAL B 378 4.65 31.79 22.72
C VAL B 378 3.33 32.11 23.44
N PHE B 379 2.38 31.19 23.35
CA PHE B 379 1.15 31.27 24.15
C PHE B 379 1.04 30.17 25.20
N ALA B 380 0.77 30.59 26.43
CA ALA B 380 0.50 29.68 27.54
C ALA B 380 -0.99 29.68 27.84
N ASP B 381 -1.39 28.87 28.82
CA ASP B 381 -2.78 28.86 29.31
C ASP B 381 -3.78 28.48 28.22
N VAL B 382 -3.24 27.94 27.13
CA VAL B 382 -3.99 27.50 25.99
C VAL B 382 -4.67 26.16 26.31
N THR B 383 -5.91 26.03 25.83
CA THR B 383 -6.78 24.86 26.01
C THR B 383 -7.24 24.32 24.64
N ASP B 384 -7.71 23.06 24.59
CA ASP B 384 -8.13 22.40 23.33
C ASP B 384 -9.19 23.20 22.51
N ASP B 385 -10.18 23.74 23.22
CA ASP B 385 -11.21 24.61 22.63
C ASP B 385 -10.74 25.93 21.95
N MET B 386 -9.55 26.44 22.33
CA MET B 386 -9.03 27.69 21.75
C MET B 386 -8.82 27.51 20.24
N THR B 387 -8.91 28.62 19.52
CA THR B 387 -8.62 28.65 18.09
C THR B 387 -7.20 28.15 17.79
N ILE B 388 -6.22 28.60 18.59
CA ILE B 388 -4.81 28.30 18.31
C ILE B 388 -4.48 26.79 18.32
N ALA B 389 -5.05 26.04 19.26
CA ALA B 389 -4.85 24.60 19.30
C ALA B 389 -5.57 23.95 18.14
N ARG B 390 -6.69 24.57 17.77
CA ARG B 390 -7.55 24.11 16.70
C ARG B 390 -6.83 24.21 15.36
N GLU B 391 -6.54 25.42 14.91
CA GLU B 391 -5.95 25.58 13.58
C GLU B 391 -4.43 25.34 13.59
N GLU B 392 -3.92 24.55 12.65
CA GLU B 392 -2.48 24.54 12.38
C GLU B 392 -2.09 25.87 11.68
N ILE B 393 -0.81 26.06 11.41
CA ILE B 393 -0.34 27.24 10.67
C ILE B 393 1.10 26.93 10.25
N PHE B 394 1.71 27.83 9.49
CA PHE B 394 3.14 27.74 9.26
C PHE B 394 3.71 29.13 9.58
N GLY B 395 4.45 29.18 10.69
CA GLY B 395 4.96 30.42 11.27
C GLY B 395 5.48 30.11 12.67
N PRO B 396 6.32 31.01 13.21
CA PRO B 396 6.94 30.81 14.52
C PRO B 396 6.02 31.05 15.72
N VAL B 397 5.04 30.17 15.93
CA VAL B 397 4.14 30.26 17.08
C VAL B 397 3.90 28.90 17.79
N MET B 398 4.20 28.87 19.09
CA MET B 398 4.08 27.66 19.88
C MET B 398 2.86 27.78 20.80
N CYS B 399 2.13 26.67 20.92
CA CYS B 399 1.11 26.60 21.93
C CYS B 399 1.55 25.63 23.01
N VAL B 400 1.56 26.15 24.22
CA VAL B 400 1.88 25.36 25.39
C VAL B 400 0.58 25.15 26.14
N LEU B 401 0.18 23.89 26.22
CA LEU B 401 -1.02 23.50 26.91
C LEU B 401 -0.64 22.80 28.20
N ASP B 402 -1.39 23.08 29.26
CA ASP B 402 -1.17 22.44 30.54
C ASP B 402 -1.92 21.12 30.63
N PHE B 403 -1.37 20.21 31.40
CA PHE B 403 -2.07 19.01 31.74
C PHE B 403 -1.74 18.56 33.16
N ASP B 404 -2.55 17.66 33.68
CA ASP B 404 -2.40 17.18 35.03
C ASP B 404 -1.86 15.74 35.02
N ASP B 405 -2.61 14.81 34.42
CA ASP B 405 -2.36 13.37 34.50
C ASP B 405 -1.87 12.80 33.15
N GLU B 406 -1.21 11.65 33.21
CA GLU B 406 -0.76 10.95 32.02
C GLU B 406 -1.93 10.43 31.16
N ASP B 407 -2.96 9.84 31.74
CA ASP B 407 -4.11 9.31 30.95
C ASP B 407 -4.84 10.43 30.25
N GLU B 408 -4.90 11.56 30.93
CA GLU B 408 -5.55 12.69 30.38
C GLU B 408 -4.78 13.21 29.15
N VAL B 409 -3.43 13.25 29.22
CA VAL B 409 -2.70 13.83 28.08
C VAL B 409 -2.75 12.94 26.87
N LEU B 410 -2.60 11.63 27.10
CA LEU B 410 -2.65 10.62 26.03
C LEU B 410 -3.92 10.77 25.20
N ALA B 411 -5.07 10.85 25.89
CA ALA B 411 -6.38 11.07 25.25
C ALA B 411 -6.37 12.38 24.46
N ARG B 412 -5.86 13.44 25.07
CA ARG B 412 -5.89 14.73 24.34
C ARG B 412 -4.91 14.75 23.14
N ALA B 413 -3.78 14.06 23.30
CA ALA B 413 -2.77 14.02 22.22
C ALA B 413 -3.22 13.15 21.04
N ASN B 414 -4.02 12.13 21.34
CA ASN B 414 -4.62 11.24 20.35
C ASN B 414 -5.91 11.77 19.69
N ALA B 415 -6.56 12.71 20.38
CA ALA B 415 -7.76 13.39 19.92
C ALA B 415 -7.37 14.30 18.79
N THR B 416 -7.04 13.72 17.65
CA THR B 416 -6.63 14.48 16.47
C THR B 416 -6.76 13.49 15.30
N GLU B 417 -7.04 13.99 14.12
CA GLU B 417 -7.17 13.14 12.94
C GLU B 417 -5.77 12.76 12.40
N PHE B 418 -4.76 13.56 12.81
CA PHE B 418 -3.35 13.43 12.39
C PHE B 418 -2.57 12.42 13.22
N GLY B 419 -1.44 11.97 12.72
CA GLY B 419 -0.65 10.98 13.46
C GLY B 419 0.70 10.82 12.85
N LEU B 420 1.37 11.93 12.58
CA LEU B 420 2.65 11.86 11.99
C LEU B 420 3.69 11.41 13.01
N ALA B 421 3.86 12.20 14.07
CA ALA B 421 5.04 12.13 14.92
C ALA B 421 4.62 12.44 16.37
N GLY B 422 5.58 12.39 17.29
CA GLY B 422 5.34 12.87 18.64
C GLY B 422 6.62 12.66 19.42
N GLY B 423 6.64 13.22 20.64
CA GLY B 423 7.75 13.07 21.58
C GLY B 423 7.27 13.05 23.02
N VAL B 424 8.06 12.41 23.89
CA VAL B 424 7.89 12.49 25.35
C VAL B 424 9.23 12.80 25.98
N PHE B 425 9.19 13.77 26.91
CA PHE B 425 10.28 14.07 27.85
C PHE B 425 9.94 13.66 29.30
N THR B 426 10.63 12.65 29.79
CA THR B 426 10.47 12.07 31.14
C THR B 426 11.79 11.37 31.50
N ALA B 427 12.19 11.39 32.78
CA ALA B 427 13.33 10.59 33.21
C ALA B 427 12.88 9.17 33.51
N ASP B 428 11.57 8.95 33.59
CA ASP B 428 11.15 7.66 34.11
C ASP B 428 11.00 6.64 32.96
N LEU B 429 11.72 5.53 33.10
CA LEU B 429 11.75 4.36 32.18
C LEU B 429 10.37 3.88 31.74
N ALA B 430 9.53 3.48 32.67
CA ALA B 430 8.23 2.98 32.34
C ALA B 430 7.33 3.96 31.67
N ARG B 431 7.29 5.18 32.14
CA ARG B 431 6.46 6.15 31.56
C ARG B 431 6.88 6.42 30.12
N ALA B 432 8.17 6.47 29.89
CA ALA B 432 8.62 6.75 28.57
C ALA B 432 8.16 5.71 27.54
N HIS B 433 8.27 4.44 27.85
CA HIS B 433 7.90 3.39 26.89
C HIS B 433 6.39 3.22 26.80
N ARG B 434 5.72 3.37 27.94
CA ARG B 434 4.29 3.39 27.97
C ARG B 434 3.66 4.54 27.18
N VAL B 435 4.17 5.77 27.33
CA VAL B 435 3.52 6.89 26.63
C VAL B 435 3.64 6.69 25.11
N VAL B 436 4.83 6.32 24.70
CA VAL B 436 5.21 6.16 23.33
C VAL B 436 4.38 4.99 22.71
N ASP B 437 4.19 3.92 23.47
CA ASP B 437 3.31 2.84 23.08
C ASP B 437 1.85 3.33 22.92
N GLY B 438 1.39 4.21 23.83
CA GLY B 438 0.02 4.76 23.80
C GLY B 438 -0.25 5.82 22.73
N LEU B 439 0.79 6.41 22.12
CA LEU B 439 0.55 7.49 21.17
C LEU B 439 0.30 6.94 19.76
N GLU B 440 -0.65 7.53 19.04
CA GLU B 440 -1.03 6.99 17.73
C GLU B 440 -0.25 7.77 16.65
N ALA B 441 1.02 7.46 16.46
CA ALA B 441 1.82 8.20 15.49
C ALA B 441 2.82 7.24 14.81
N GLY B 442 3.36 7.62 13.67
CA GLY B 442 4.36 6.81 12.98
C GLY B 442 5.76 6.83 13.58
N THR B 443 6.19 8.04 14.00
CA THR B 443 7.54 8.24 14.46
C THR B 443 7.50 8.96 15.80
N LEU B 444 8.11 8.37 16.82
CA LEU B 444 8.15 8.95 18.16
C LEU B 444 9.58 9.08 18.73
N TRP B 445 9.86 10.18 19.45
CA TRP B 445 11.13 10.40 20.11
C TRP B 445 10.96 10.40 21.63
N ILE B 446 11.89 9.75 22.31
CA ILE B 446 12.00 9.82 23.73
C ILE B 446 13.19 10.71 24.09
N ASN B 447 12.86 11.84 24.72
CA ASN B 447 13.82 12.80 25.28
C ASN B 447 14.62 13.55 24.29
N THR B 448 14.04 13.78 23.10
CA THR B 448 14.64 14.58 22.02
C THR B 448 13.50 14.79 21.05
N TYR B 449 13.79 15.38 19.90
CA TYR B 449 12.76 15.56 18.92
C TYR B 449 13.36 15.80 17.55
N ASN B 450 12.56 15.48 16.54
CA ASN B 450 12.89 15.84 15.20
C ASN B 450 14.21 15.28 14.66
N LEU B 451 14.63 14.12 15.15
CA LEU B 451 15.84 13.48 14.52
C LEU B 451 15.37 12.37 13.56
N CYS B 452 15.82 12.42 12.31
CA CYS B 452 15.36 11.47 11.30
C CYS B 452 16.55 10.83 10.55
N PRO B 453 17.38 10.08 11.25
CA PRO B 453 18.48 9.44 10.55
C PRO B 453 17.95 8.46 9.52
N VAL B 454 18.67 8.32 8.42
CA VAL B 454 18.29 7.51 7.27
C VAL B 454 18.11 6.02 7.59
N GLU B 455 18.82 5.56 8.59
CA GLU B 455 18.73 4.20 9.05
C GLU B 455 17.35 3.76 9.55
N ILE B 456 16.50 4.69 9.93
CA ILE B 456 15.24 4.37 10.61
C ILE B 456 14.04 4.79 9.76
N PRO B 457 12.92 4.05 9.84
CA PRO B 457 11.71 4.43 9.05
C PRO B 457 11.10 5.79 9.44
N PHE B 458 10.63 6.50 8.45
CA PHE B 458 9.94 7.79 8.67
C PHE B 458 8.59 7.76 7.94
N GLY B 459 7.52 8.10 8.64
CA GLY B 459 6.21 8.27 8.01
C GLY B 459 5.04 8.34 8.94
N GLY B 460 3.86 8.56 8.41
CA GLY B 460 2.69 8.78 9.27
C GLY B 460 1.68 7.67 9.44
N SER B 461 0.75 7.91 10.35
CA SER B 461 -0.40 7.07 10.68
C SER B 461 -1.68 7.89 10.47
N LYS B 462 -2.84 7.22 10.42
CA LYS B 462 -4.13 7.89 10.42
C LYS B 462 -4.16 8.82 9.21
N GLN B 463 -4.62 10.06 9.38
CA GLN B 463 -4.64 10.94 8.21
C GLN B 463 -3.33 11.65 7.89
N SER B 464 -2.21 11.26 8.52
CA SER B 464 -0.92 11.81 8.10
C SER B 464 -0.31 10.99 6.93
N GLY B 465 -1.01 9.93 6.51
CA GLY B 465 -0.63 9.16 5.33
C GLY B 465 -0.29 7.69 5.65
N PHE B 466 0.53 7.07 4.80
CA PHE B 466 0.83 5.65 4.89
C PHE B 466 2.07 5.41 4.05
N GLY B 467 2.79 4.32 4.37
CA GLY B 467 4.09 4.07 3.73
C GLY B 467 5.17 4.65 4.60
N ARG B 468 6.42 4.20 4.37
CA ARG B 468 7.55 4.67 5.12
C ARG B 468 8.66 5.01 4.14
N GLU B 469 9.43 6.05 4.46
CA GLU B 469 10.69 6.34 3.81
C GLU B 469 11.83 6.04 4.81
N ASN B 470 13.03 5.90 4.24
CA ASN B 470 14.23 5.52 4.96
C ASN B 470 14.17 4.08 5.58
N SER B 471 15.31 3.61 6.12
CA SER B 471 15.52 2.20 6.51
C SER B 471 15.34 1.22 5.29
N ALA B 472 15.68 -0.06 5.46
CA ALA B 472 15.27 -1.07 4.45
C ALA B 472 13.77 -1.09 4.18
N ALA B 473 12.93 -0.76 5.16
CA ALA B 473 11.46 -0.83 4.91
C ALA B 473 10.95 0.01 3.72
N ALA B 474 11.63 1.10 3.36
CA ALA B 474 11.20 1.91 2.17
C ALA B 474 11.10 1.09 0.88
N LEU B 475 11.90 0.02 0.81
CA LEU B 475 12.04 -0.78 -0.41
C LEU B 475 10.75 -1.58 -0.70
N GLU B 476 10.04 -1.92 0.35
CA GLU B 476 8.71 -2.51 0.22
C GLU B 476 7.81 -1.69 -0.63
N HIS B 477 7.96 -0.36 -0.70
CA HIS B 477 6.91 0.45 -1.42
C HIS B 477 7.36 0.72 -2.86
N TYR B 478 8.58 0.32 -3.20
CA TYR B 478 9.15 0.55 -4.53
C TYR B 478 9.46 -0.77 -5.28
N SER B 479 8.89 -1.85 -4.78
CA SER B 479 9.06 -3.15 -5.39
C SER B 479 7.85 -4.03 -4.96
N GLU B 480 7.67 -5.17 -5.66
CA GLU B 480 6.66 -6.13 -5.25
C GLU B 480 7.27 -7.50 -5.38
N LEU B 481 6.66 -8.46 -4.70
CA LEU B 481 7.20 -9.83 -4.66
C LEU B 481 6.74 -10.61 -5.90
N LYS B 482 7.67 -11.12 -6.65
CA LYS B 482 7.28 -12.07 -7.68
C LYS B 482 7.61 -13.47 -7.16
N THR B 483 6.62 -14.35 -7.12
CA THR B 483 6.77 -15.64 -6.50
C THR B 483 6.90 -16.65 -7.63
N VAL B 484 7.95 -17.47 -7.60
CA VAL B 484 8.09 -18.62 -8.51
C VAL B 484 8.13 -20.00 -7.77
N TYR B 485 7.13 -20.81 -8.06
CA TYR B 485 7.02 -22.14 -7.54
C TYR B 485 7.70 -23.12 -8.53
N VAL B 486 8.67 -23.88 -8.02
CA VAL B 486 9.38 -24.84 -8.83
C VAL B 486 8.89 -26.23 -8.46
N SER B 487 8.22 -26.87 -9.41
CA SER B 487 7.90 -28.29 -9.29
C SER B 487 9.16 -29.09 -9.58
N THR B 488 9.60 -29.94 -8.65
CA THR B 488 10.91 -30.59 -8.83
C THR B 488 10.82 -32.04 -9.34
N GLY B 489 9.64 -32.64 -9.29
CA GLY B 489 9.51 -34.09 -9.50
C GLY B 489 8.10 -34.53 -9.84
C1 EDO C . 3.00 -7.01 17.72
O1 EDO C . 3.87 -5.82 17.82
C2 EDO C . 2.10 -7.31 18.93
O2 EDO C . 1.05 -6.35 18.96
C1 EDO D . 16.35 -7.00 -7.69
O1 EDO D . 15.61 -8.29 -7.68
C2 EDO D . 16.85 -6.59 -9.09
O2 EDO D . 15.68 -6.29 -9.97
#